data_2IXL
#
_entry.id   2IXL
#
_cell.length_a   51.408
_cell.length_b   141.526
_cell.length_c   53.586
_cell.angle_alpha   90.00
_cell.angle_beta   92.57
_cell.angle_gamma   90.00
#
_symmetry.space_group_name_H-M   'P 1 21 1'
#
loop_
_entity.id
_entity.type
_entity.pdbx_description
1 polymer 'DTDP-4-DEHYDRORHAMNOSE 3,5-EPIMERASE'
2 non-polymer "2'-DEOXY-THYMIDINE-BETA-L-RHAMNOSE"
3 non-polymer 'NICKEL (II) ION'
4 water water
#
_entity_poly.entity_id   1
_entity_poly.type   'polypeptide(L)'
_entity_poly.pdbx_seq_one_letter_code
;MTENFFGKTLAARPVEAIPGMLEFDIPVHGDNRGWFKENFQKEKMLPLGFPESFFAEGKLQNNVSFSRKNVLRGLHAEPW
DKYISVADGGKVLGTWVDLREGETFGNTYQTVIDASKSIFVPRGVANGFQVLSDFVAYSYLVNDYWALELKPKYAFVNYA
DPSLDIKWENLEEAEVSEADENHPFLKDVKPLRKEDL
;
_entity_poly.pdbx_strand_id   A,B,C,D
#
# COMPACT_ATOMS: atom_id res chain seq x y z
N THR A 2 -7.53 1.51 43.45
CA THR A 2 -6.31 2.24 43.93
C THR A 2 -5.54 1.49 45.00
N GLU A 3 -4.25 1.81 45.07
CA GLU A 3 -3.33 1.51 46.19
C GLU A 3 -2.32 0.40 45.89
N ASN A 4 -2.70 -0.87 46.01
CA ASN A 4 -1.73 -1.93 45.82
C ASN A 4 -1.37 -2.08 44.35
N PHE A 5 -2.37 -2.38 43.51
CA PHE A 5 -2.11 -2.72 42.11
C PHE A 5 -3.10 -2.06 41.14
N PHE A 6 -4.40 -2.26 41.38
CA PHE A 6 -5.44 -1.76 40.49
C PHE A 6 -5.87 -0.34 40.82
N GLY A 7 -6.21 0.42 39.77
CA GLY A 7 -6.95 1.66 39.91
C GLY A 7 -6.21 2.85 40.51
N LYS A 8 -4.89 2.83 40.42
CA LYS A 8 -4.09 3.98 40.87
C LYS A 8 -4.35 5.20 39.98
N THR A 9 -4.21 6.39 40.57
CA THR A 9 -4.25 7.65 39.82
C THR A 9 -2.89 7.86 39.14
N LEU A 10 -2.91 8.24 37.86
CA LEU A 10 -1.67 8.50 37.13
C LEU A 10 -0.91 9.63 37.83
N ALA A 11 0.34 9.36 38.22
CA ALA A 11 1.13 10.29 39.03
C ALA A 11 2.64 10.06 38.83
N ALA A 12 3.44 11.10 39.10
CA ALA A 12 4.91 10.99 39.02
C ALA A 12 5.61 11.57 40.26
N ARG A 13 6.73 10.96 40.63
CA ARG A 13 7.56 11.44 41.74
C ARG A 13 9.02 11.47 41.29
N PRO A 14 9.72 12.59 41.53
CA PRO A 14 11.15 12.55 41.24
C PRO A 14 11.91 11.69 42.25
N VAL A 15 13.09 11.20 41.86
CA VAL A 15 13.96 10.47 42.77
C VAL A 15 15.10 11.41 43.19
N GLU A 16 15.10 11.80 44.45
CA GLU A 16 15.98 12.89 44.90
C GLU A 16 17.49 12.63 44.70
N ALA A 17 17.91 11.39 44.88
CA ALA A 17 19.33 11.01 44.80
C ALA A 17 19.87 10.98 43.36
N ILE A 18 18.97 10.86 42.39
CA ILE A 18 19.34 10.76 40.98
C ILE A 18 18.54 11.75 40.13
N PRO A 19 19.12 12.96 39.90
CA PRO A 19 18.45 14.01 39.11
C PRO A 19 18.00 13.51 37.72
N GLY A 20 16.77 13.82 37.34
CA GLY A 20 16.27 13.43 36.02
C GLY A 20 15.46 12.14 36.03
N MET A 21 15.64 11.33 37.07
CA MET A 21 14.85 10.08 37.22
C MET A 21 13.45 10.38 37.74
N LEU A 22 12.45 9.64 37.23
CA LEU A 22 11.07 9.75 37.69
C LEU A 22 10.45 8.38 37.87
N GLU A 23 9.65 8.24 38.91
CA GLU A 23 8.85 7.04 39.17
C GLU A 23 7.37 7.37 38.93
N PHE A 24 6.65 6.51 38.19
CA PHE A 24 5.23 6.72 37.85
C PHE A 24 4.33 5.65 38.46
N ASP A 25 3.16 6.07 38.95
CA ASP A 25 2.07 5.12 39.26
C ASP A 25 1.21 5.04 38.00
N ILE A 26 0.96 3.83 37.51
CA ILE A 26 0.23 3.62 36.26
C ILE A 26 -1.15 3.02 36.58
N PRO A 27 -2.26 3.63 36.07
CA PRO A 27 -3.59 3.02 36.26
C PRO A 27 -3.74 1.65 35.54
N VAL A 28 -4.06 0.61 36.32
CA VAL A 28 -4.34 -0.72 35.78
C VAL A 28 -5.81 -1.07 36.08
N HIS A 29 -6.57 -1.36 35.03
CA HIS A 29 -8.00 -1.61 35.16
C HIS A 29 -8.29 -3.10 35.02
N GLY A 30 -8.84 -3.68 36.09
CA GLY A 30 -9.08 -5.13 36.15
C GLY A 30 -10.53 -5.50 35.90
N ASP A 31 -10.73 -6.69 35.35
CA ASP A 31 -12.06 -7.31 35.19
C ASP A 31 -11.91 -8.82 35.14
N ASN A 32 -12.99 -9.50 34.75
CA ASN A 32 -13.01 -10.96 34.66
C ASN A 32 -11.90 -11.55 33.76
N ARG A 33 -11.59 -10.85 32.68
CA ARG A 33 -10.65 -11.33 31.66
C ARG A 33 -9.18 -11.29 32.08
N GLY A 34 -8.88 -10.35 32.99
CA GLY A 34 -7.50 -9.99 33.34
C GLY A 34 -7.43 -8.49 33.63
N TRP A 35 -6.56 -7.79 32.89
CA TRP A 35 -6.44 -6.33 33.03
C TRP A 35 -5.96 -5.60 31.76
N PHE A 36 -6.08 -4.27 31.80
CA PHE A 36 -5.65 -3.36 30.74
C PHE A 36 -4.93 -2.15 31.34
N LYS A 37 -3.82 -1.72 30.72
CA LYS A 37 -3.20 -0.43 31.06
C LYS A 37 -2.73 0.36 29.84
N GLU A 38 -2.80 1.70 29.94
CA GLU A 38 -2.01 2.57 29.05
C GLU A 38 -0.60 2.66 29.68
N ASN A 39 0.30 1.80 29.24
CA ASN A 39 1.67 1.76 29.78
C ASN A 39 2.43 3.08 29.58
N PHE A 40 2.26 3.68 28.40
CA PHE A 40 2.84 5.00 28.08
C PHE A 40 1.80 5.78 27.26
N GLN A 41 1.59 7.05 27.61
CA GLN A 41 0.64 7.91 26.87
C GLN A 41 1.25 9.32 26.83
N LYS A 42 1.75 9.72 25.66
CA LYS A 42 2.56 10.94 25.56
C LYS A 42 1.84 12.20 26.06
N GLU A 43 0.59 12.38 25.62
CA GLU A 43 -0.17 13.59 25.92
C GLU A 43 -0.46 13.74 27.43
N LYS A 44 -0.75 12.61 28.09
CA LYS A 44 -1.02 12.61 29.54
C LYS A 44 0.26 12.70 30.38
N MET A 45 1.39 12.23 29.85
CA MET A 45 2.62 12.13 30.67
C MET A 45 3.58 13.32 30.60
N LEU A 46 3.60 14.08 29.50
CA LEU A 46 4.41 15.32 29.48
C LEU A 46 4.09 16.32 30.62
N PRO A 47 2.79 16.59 30.90
CA PRO A 47 2.43 17.48 32.03
C PRO A 47 2.89 16.97 33.40
N LEU A 48 3.18 15.66 33.52
CA LEU A 48 3.66 15.08 34.78
C LEU A 48 5.19 15.01 34.93
N GLY A 49 5.90 15.40 33.87
CA GLY A 49 7.37 15.49 33.93
C GLY A 49 8.15 14.56 33.02
N PHE A 50 7.47 13.67 32.29
CA PHE A 50 8.17 12.85 31.30
C PHE A 50 8.82 13.83 30.32
N PRO A 51 10.15 13.77 30.16
CA PRO A 51 10.84 14.88 29.45
C PRO A 51 10.61 14.93 27.94
N GLU A 52 10.22 16.12 27.45
CA GLU A 52 10.11 16.35 26.01
C GLU A 52 11.42 16.02 25.27
N SER A 53 12.56 16.19 25.95
CA SER A 53 13.88 15.88 25.36
C SER A 53 14.05 14.40 24.93
N PHE A 54 13.22 13.51 25.46
CA PHE A 54 13.24 12.10 24.98
C PHE A 54 13.04 12.02 23.46
N PHE A 55 12.32 12.99 22.90
CA PHE A 55 11.90 12.96 21.49
C PHE A 55 12.81 13.76 20.54
N ALA A 56 13.96 14.21 21.06
CA ALA A 56 14.84 15.12 20.32
C ALA A 56 15.29 14.66 18.93
N GLU A 57 15.63 13.37 18.79
CA GLU A 57 16.17 12.86 17.49
C GLU A 57 15.15 12.09 16.65
N GLY A 58 13.94 11.94 17.16
CA GLY A 58 12.89 11.22 16.44
C GLY A 58 13.21 9.74 16.29
N LYS A 59 13.89 9.19 17.29
CA LYS A 59 14.29 7.77 17.27
C LYS A 59 13.43 6.96 18.25
N LEU A 60 13.11 5.71 17.90
CA LEU A 60 12.26 4.87 18.76
C LEU A 60 12.55 3.38 18.59
N GLN A 61 12.75 2.70 19.72
CA GLN A 61 12.90 1.23 19.77
C GLN A 61 12.18 0.71 21.02
N ASN A 62 11.51 -0.42 20.88
CA ASN A 62 10.83 -1.09 22.00
C ASN A 62 11.43 -2.48 22.17
N ASN A 63 12.05 -2.72 23.33
CA ASN A 63 12.64 -4.04 23.66
C ASN A 63 11.79 -4.78 24.68
N VAL A 64 11.82 -6.11 24.62
CA VAL A 64 11.16 -6.96 25.63
C VAL A 64 12.10 -8.09 26.00
N SER A 65 12.30 -8.31 27.30
CA SER A 65 13.01 -9.50 27.79
C SER A 65 12.10 -10.32 28.69
N PHE A 66 12.26 -11.64 28.62
CA PHE A 66 11.51 -12.56 29.45
C PHE A 66 12.53 -13.31 30.31
N SER A 67 12.31 -13.37 31.63
CA SER A 67 13.31 -13.91 32.57
C SER A 67 12.68 -14.73 33.68
N ARG A 68 13.43 -15.71 34.18
CA ARG A 68 12.99 -16.55 35.31
C ARG A 68 13.43 -16.01 36.67
N LYS A 69 12.83 -16.54 37.74
CA LYS A 69 13.18 -16.18 39.11
C LYS A 69 14.70 -16.17 39.38
N ASN A 70 15.16 -15.14 40.08
CA ASN A 70 16.58 -14.98 40.46
C ASN A 70 17.55 -14.47 39.38
N VAL A 71 17.11 -14.46 38.13
CA VAL A 71 17.84 -13.81 37.05
C VAL A 71 18.13 -12.34 37.44
N LEU A 72 19.38 -11.91 37.24
CA LEU A 72 19.81 -10.54 37.52
C LEU A 72 20.47 -10.01 36.24
N ARG A 73 19.96 -8.89 35.71
CA ARG A 73 20.54 -8.23 34.52
C ARG A 73 21.02 -6.83 34.92
N GLY A 74 22.26 -6.49 34.61
CA GLY A 74 22.81 -5.16 34.91
C GLY A 74 24.29 -5.18 35.27
N LEU A 75 24.89 -4.04 35.58
CA LEU A 75 24.26 -2.71 35.53
C LEU A 75 24.77 -2.00 34.27
N HIS A 76 23.84 -1.50 33.44
CA HIS A 76 24.17 -1.06 32.08
C HIS A 76 23.77 0.39 31.83
N ALA A 77 24.72 1.21 31.39
CA ALA A 77 24.50 2.63 31.13
C ALA A 77 24.83 3.02 29.68
N GLU A 78 24.11 2.40 28.74
CA GLU A 78 24.21 2.73 27.32
C GLU A 78 23.81 4.19 27.04
N PRO A 79 24.35 4.79 25.97
CA PRO A 79 24.11 6.22 25.68
C PRO A 79 22.72 6.55 25.11
N TRP A 80 21.69 6.22 25.87
CA TRP A 80 20.31 6.59 25.51
C TRP A 80 19.41 6.57 26.73
N ASP A 81 18.26 7.25 26.66
CA ASP A 81 17.24 7.24 27.72
C ASP A 81 16.38 5.97 27.66
N LYS A 82 15.83 5.57 28.80
CA LYS A 82 14.98 4.36 28.91
C LYS A 82 13.71 4.62 29.71
N TYR A 83 12.58 4.12 29.21
CA TYR A 83 11.33 4.12 29.98
C TYR A 83 10.94 2.66 30.22
N ILE A 84 10.99 2.23 31.47
CA ILE A 84 10.91 0.79 31.80
C ILE A 84 9.64 0.42 32.59
N SER A 85 9.04 -0.74 32.30
CA SER A 85 7.95 -1.30 33.15
C SER A 85 7.85 -2.80 32.94
N VAL A 86 6.86 -3.40 33.60
CA VAL A 86 6.58 -4.84 33.53
C VAL A 86 5.29 -5.03 32.71
N ALA A 87 5.28 -6.02 31.80
CA ALA A 87 4.17 -6.26 30.87
C ALA A 87 3.24 -7.44 31.22
N ASP A 88 3.63 -8.26 32.19
CA ASP A 88 2.80 -9.39 32.64
C ASP A 88 2.49 -9.29 34.15
N GLY A 89 2.19 -10.42 34.81
CA GLY A 89 1.89 -10.40 36.25
C GLY A 89 3.09 -10.52 37.19
N GLY A 90 4.31 -10.39 36.64
CA GLY A 90 5.54 -10.59 37.44
C GLY A 90 6.02 -9.36 38.19
N LYS A 91 7.20 -9.47 38.81
CA LYS A 91 7.72 -8.45 39.72
C LYS A 91 9.24 -8.53 39.72
N VAL A 92 9.90 -7.37 39.72
CA VAL A 92 11.36 -7.27 39.86
C VAL A 92 11.81 -6.28 40.93
N LEU A 93 13.03 -6.47 41.44
CA LEU A 93 13.72 -5.42 42.20
C LEU A 93 14.56 -4.59 41.24
N GLY A 94 14.15 -3.35 40.98
CA GLY A 94 14.91 -2.45 40.12
C GLY A 94 15.99 -1.73 40.90
N THR A 95 17.13 -1.47 40.24
CA THR A 95 18.33 -0.95 40.89
C THR A 95 19.06 -0.02 39.94
N TRP A 96 19.48 1.14 40.43
CA TRP A 96 20.13 2.19 39.62
C TRP A 96 21.35 2.77 40.30
N VAL A 97 22.39 3.05 39.51
CA VAL A 97 23.64 3.70 39.93
C VAL A 97 24.01 4.84 38.96
N ASP A 98 24.09 6.07 39.46
CA ASP A 98 24.39 7.25 38.65
C ASP A 98 25.87 7.24 38.23
N LEU A 99 26.12 7.24 36.92
CA LEU A 99 27.51 7.25 36.41
C LEU A 99 27.98 8.58 35.80
N ARG A 100 27.18 9.62 35.99
CA ARG A 100 27.48 10.97 35.44
C ARG A 100 28.50 11.73 36.28
N GLU A 101 29.44 12.39 35.61
CA GLU A 101 30.44 13.25 36.26
C GLU A 101 29.76 14.34 37.08
N GLY A 102 30.22 14.50 38.32
CA GLY A 102 29.68 15.54 39.19
C GLY A 102 29.32 15.11 40.59
N GLU A 103 28.49 15.91 41.24
CA GLU A 103 28.14 15.74 42.64
C GLU A 103 27.32 14.48 42.94
N THR A 104 26.75 13.86 41.91
CA THR A 104 25.91 12.67 42.13
C THR A 104 26.53 11.35 41.64
N PHE A 105 27.79 11.39 41.19
CA PHE A 105 28.47 10.16 40.78
C PHE A 105 28.48 9.09 41.88
N GLY A 106 27.96 7.91 41.55
CA GLY A 106 27.86 6.81 42.52
C GLY A 106 26.56 6.75 43.33
N ASN A 107 25.69 7.76 43.20
CA ASN A 107 24.41 7.77 43.92
C ASN A 107 23.52 6.62 43.44
N THR A 108 22.70 6.09 44.35
CA THR A 108 21.88 4.90 44.05
C THR A 108 20.39 5.05 44.44
N TYR A 109 19.55 4.20 43.85
CA TYR A 109 18.13 4.05 44.21
C TYR A 109 17.73 2.60 43.91
N GLN A 110 16.78 2.09 44.69
CA GLN A 110 16.18 0.76 44.45
C GLN A 110 14.69 0.79 44.76
N THR A 111 13.87 0.08 43.99
CA THR A 111 12.44 -0.07 44.30
C THR A 111 11.85 -1.29 43.58
N VAL A 112 10.75 -1.82 44.10
CA VAL A 112 10.06 -2.95 43.49
C VAL A 112 9.17 -2.47 42.34
N ILE A 113 9.28 -3.13 41.19
CA ILE A 113 8.49 -2.76 40.00
C ILE A 113 7.56 -3.92 39.60
N ASP A 114 6.26 -3.61 39.48
CA ASP A 114 5.30 -4.53 38.85
C ASP A 114 4.56 -3.78 37.72
N ALA A 115 3.48 -4.34 37.14
CA ALA A 115 2.83 -3.66 36.01
C ALA A 115 2.22 -2.31 36.35
N SER A 116 2.02 -2.03 37.64
CA SER A 116 1.41 -0.76 38.07
C SER A 116 2.42 0.36 38.36
N LYS A 117 3.70 0.15 38.01
CA LYS A 117 4.76 1.15 38.23
C LYS A 117 5.67 1.19 37.03
N SER A 118 6.15 2.38 36.68
CA SER A 118 7.17 2.53 35.64
C SER A 118 8.27 3.51 36.07
N ILE A 119 9.39 3.48 35.35
CA ILE A 119 10.53 4.34 35.70
C ILE A 119 11.15 4.98 34.45
N PHE A 120 11.38 6.30 34.50
CA PHE A 120 12.21 6.97 33.49
C PHE A 120 13.68 7.06 33.96
N VAL A 121 14.60 6.52 33.15
CA VAL A 121 16.02 6.46 33.51
C VAL A 121 16.82 7.34 32.53
N PRO A 122 17.36 8.47 33.02
CA PRO A 122 18.14 9.31 32.10
C PRO A 122 19.43 8.66 31.62
N ARG A 123 19.82 9.01 30.39
CA ARG A 123 21.10 8.62 29.84
C ARG A 123 22.23 8.97 30.82
N GLY A 124 23.08 7.99 31.14
CA GLY A 124 24.20 8.17 32.08
C GLY A 124 23.96 7.52 33.45
N VAL A 125 22.75 7.02 33.66
CA VAL A 125 22.40 6.29 34.88
C VAL A 125 22.26 4.79 34.58
N ALA A 126 23.06 3.98 35.25
CA ALA A 126 23.09 2.53 35.01
C ALA A 126 21.81 1.86 35.49
N ASN A 127 21.25 0.98 34.65
CA ASN A 127 20.00 0.24 34.91
C ASN A 127 20.23 -1.25 35.18
N GLY A 128 19.45 -1.81 36.09
CA GLY A 128 19.50 -3.25 36.38
C GLY A 128 18.27 -3.74 37.10
N PHE A 129 18.10 -5.06 37.17
CA PHE A 129 16.99 -5.66 37.95
C PHE A 129 17.27 -7.11 38.33
N GLN A 130 16.59 -7.56 39.39
CA GLN A 130 16.57 -8.98 39.77
C GLN A 130 15.13 -9.47 39.85
N VAL A 131 14.86 -10.64 39.28
CA VAL A 131 13.48 -11.17 39.18
C VAL A 131 13.02 -11.78 40.50
N LEU A 132 11.88 -11.29 41.00
CA LEU A 132 11.29 -11.75 42.28
C LEU A 132 10.23 -12.83 42.11
N SER A 133 9.50 -12.77 40.99
CA SER A 133 8.44 -13.72 40.67
C SER A 133 8.98 -14.96 39.94
N ASP A 134 8.12 -15.95 39.70
CA ASP A 134 8.55 -17.14 38.95
C ASP A 134 9.12 -16.78 37.56
N PHE A 135 8.41 -15.89 36.85
CA PHE A 135 8.84 -15.33 35.57
C PHE A 135 8.41 -13.87 35.50
N VAL A 136 9.01 -13.12 34.57
CA VAL A 136 8.60 -11.73 34.31
C VAL A 136 8.88 -11.30 32.87
N ALA A 137 7.96 -10.49 32.33
CA ALA A 137 8.16 -9.82 31.02
C ALA A 137 8.46 -8.35 31.29
N TYR A 138 9.60 -7.89 30.80
CA TYR A 138 10.12 -6.56 31.10
C TYR A 138 10.21 -5.79 29.77
N SER A 139 9.47 -4.69 29.67
CA SER A 139 9.31 -4.03 28.37
C SER A 139 9.76 -2.60 28.50
N TYR A 140 10.55 -2.13 27.54
CA TYR A 140 11.01 -0.75 27.65
C TYR A 140 11.09 -0.01 26.31
N LEU A 141 10.98 1.32 26.40
CA LEU A 141 11.07 2.20 25.23
C LEU A 141 12.38 2.98 25.34
N VAL A 142 13.13 3.05 24.24
CA VAL A 142 14.43 3.74 24.21
C VAL A 142 14.56 4.65 22.98
N ASN A 143 15.50 5.60 23.01
CA ASN A 143 15.60 6.63 21.95
C ASN A 143 16.95 6.73 21.18
N ASP A 144 17.70 5.63 21.16
CA ASP A 144 18.78 5.45 20.18
C ASP A 144 18.96 3.94 19.95
N TYR A 145 19.79 3.60 18.96
CA TYR A 145 19.89 2.23 18.42
C TYR A 145 21.20 1.51 18.78
N TRP A 146 21.03 0.38 19.46
CA TRP A 146 22.12 -0.53 19.86
C TRP A 146 22.78 -1.18 18.64
N ALA A 147 24.10 -1.38 18.73
CA ALA A 147 24.83 -2.15 17.74
C ALA A 147 25.88 -2.96 18.47
N LEU A 148 26.00 -4.24 18.11
CA LEU A 148 27.00 -5.12 18.72
C LEU A 148 28.42 -4.53 18.73
N GLU A 149 28.85 -3.99 17.59
CA GLU A 149 30.22 -3.49 17.45
C GLU A 149 30.53 -2.26 18.31
N LEU A 150 29.48 -1.61 18.81
CA LEU A 150 29.66 -0.42 19.62
C LEU A 150 29.69 -0.73 21.13
N LYS A 151 29.42 -1.98 21.50
CA LYS A 151 29.39 -2.36 22.92
C LYS A 151 30.63 -1.94 23.73
N PRO A 152 31.85 -2.07 23.15
CA PRO A 152 33.05 -1.54 23.86
C PRO A 152 32.98 -0.04 24.22
N LYS A 153 32.19 0.71 23.49
CA LYS A 153 32.01 2.13 23.75
C LYS A 153 31.01 2.42 24.90
N TYR A 154 30.22 1.43 25.29
CA TYR A 154 29.16 1.64 26.27
C TYR A 154 29.69 1.53 27.71
N ALA A 155 29.02 2.21 28.65
CA ALA A 155 29.41 2.18 30.07
C ALA A 155 28.66 1.09 30.83
N PHE A 156 29.40 0.30 31.60
CA PHE A 156 28.82 -0.77 32.43
C PHE A 156 29.50 -0.77 33.80
N VAL A 157 28.78 -1.27 34.82
CA VAL A 157 29.40 -1.48 36.15
C VAL A 157 28.96 -2.82 36.74
N ASN A 158 29.89 -3.50 37.41
CA ASN A 158 29.65 -4.86 37.91
C ASN A 158 28.57 -4.92 39.01
N TYR A 159 27.57 -5.77 38.82
CA TYR A 159 26.46 -5.93 39.79
C TYR A 159 26.93 -6.28 41.21
N ALA A 160 28.08 -6.96 41.29
CA ALA A 160 28.57 -7.52 42.56
C ALA A 160 29.69 -6.73 43.22
N ASP A 161 29.95 -5.51 42.73
CA ASP A 161 30.93 -4.62 43.38
C ASP A 161 30.44 -4.27 44.79
N PRO A 162 31.13 -4.75 45.84
CA PRO A 162 30.59 -4.55 47.19
C PRO A 162 30.62 -3.08 47.65
N SER A 163 31.36 -2.22 46.95
CA SER A 163 31.43 -0.80 47.32
C SER A 163 30.18 -0.01 46.92
N LEU A 164 29.36 -0.58 46.03
CA LEU A 164 28.09 0.05 45.63
C LEU A 164 27.07 0.05 46.75
N ASP A 165 26.35 1.16 46.90
CA ASP A 165 25.37 1.34 47.97
C ASP A 165 24.02 0.72 47.58
N ILE A 166 24.03 -0.59 47.34
CA ILE A 166 22.85 -1.34 46.92
C ILE A 166 22.81 -2.67 47.65
N LYS A 167 21.64 -3.28 47.70
CA LYS A 167 21.49 -4.62 48.22
C LYS A 167 20.52 -5.38 47.32
N TRP A 168 21.01 -6.48 46.73
CA TRP A 168 20.18 -7.33 45.89
C TRP A 168 19.30 -8.25 46.74
N GLU A 169 18.25 -8.80 46.14
CA GLU A 169 17.31 -9.68 46.85
C GLU A 169 17.99 -10.97 47.30
N ASN A 170 18.72 -11.57 46.37
CA ASN A 170 19.38 -12.85 46.57
C ASN A 170 20.65 -12.88 45.72
N LEU A 171 21.70 -12.25 46.23
CA LEU A 171 22.98 -12.16 45.52
C LEU A 171 23.60 -13.54 45.30
N GLU A 172 23.48 -14.38 46.31
CA GLU A 172 24.07 -15.71 46.30
C GLU A 172 23.52 -16.59 45.17
N GLU A 173 22.24 -16.44 44.87
CA GLU A 173 21.58 -17.29 43.87
C GLU A 173 21.34 -16.60 42.53
N ALA A 174 21.97 -15.44 42.32
CA ALA A 174 21.78 -14.68 41.09
C ALA A 174 22.18 -15.46 39.84
N GLU A 175 21.32 -15.43 38.82
CA GLU A 175 21.60 -16.07 37.53
C GLU A 175 21.91 -14.97 36.51
N VAL A 176 23.16 -14.94 36.06
CA VAL A 176 23.69 -13.81 35.29
C VAL A 176 24.33 -14.26 33.95
N SER A 177 24.47 -13.32 33.01
CA SER A 177 25.20 -13.58 31.76
C SER A 177 26.70 -13.60 31.98
N GLU A 178 27.43 -14.23 31.05
CA GLU A 178 28.89 -14.16 31.02
C GLU A 178 29.38 -12.70 30.98
N ALA A 179 28.72 -11.86 30.19
CA ALA A 179 29.05 -10.43 30.11
C ALA A 179 28.91 -9.73 31.45
N ASP A 180 27.79 -9.96 32.14
CA ASP A 180 27.55 -9.30 33.42
C ASP A 180 28.49 -9.74 34.53
N GLU A 181 29.05 -10.94 34.38
CA GLU A 181 30.08 -11.41 35.30
C GLU A 181 31.38 -10.60 35.18
N ASN A 182 31.65 -10.07 33.98
CA ASN A 182 32.96 -9.51 33.66
C ASN A 182 33.04 -7.97 33.51
N HIS A 183 31.95 -7.26 33.80
CA HIS A 183 31.95 -5.79 33.76
C HIS A 183 32.89 -5.23 34.86
N PRO A 184 33.49 -4.05 34.64
CA PRO A 184 34.45 -3.50 35.63
C PRO A 184 33.77 -3.00 36.90
N PHE A 185 34.54 -2.96 38.00
CA PHE A 185 34.10 -2.33 39.24
C PHE A 185 34.07 -0.81 39.03
N LEU A 186 33.32 -0.10 39.90
CA LEU A 186 33.14 1.35 39.75
C LEU A 186 34.46 2.12 39.71
N LYS A 187 35.45 1.64 40.46
CA LYS A 187 36.74 2.31 40.53
C LYS A 187 37.45 2.42 39.16
N ASP A 188 37.04 1.55 38.24
CA ASP A 188 37.61 1.50 36.88
C ASP A 188 36.67 2.09 35.82
N VAL A 189 35.62 2.79 36.27
CA VAL A 189 34.67 3.44 35.37
C VAL A 189 34.86 4.96 35.40
N LYS A 190 35.22 5.52 34.24
CA LYS A 190 35.37 6.98 34.11
C LYS A 190 33.99 7.66 34.11
N PRO A 191 33.77 8.63 35.03
CA PRO A 191 32.50 9.36 35.06
C PRO A 191 32.16 10.01 33.71
N LEU A 192 30.88 9.93 33.31
CA LEU A 192 30.42 10.40 32.01
C LEU A 192 30.21 11.92 31.97
N ARG A 193 30.91 12.59 31.04
CA ARG A 193 30.86 14.05 30.89
C ARG A 193 29.59 14.44 30.15
N LYS A 194 29.06 15.63 30.45
CA LYS A 194 27.82 16.14 29.82
C LYS A 194 27.59 15.59 28.41
N GLU A 195 26.90 14.45 28.33
CA GLU A 195 26.78 13.63 27.12
C GLU A 195 28.05 13.64 26.24
N ASP A 196 29.15 13.18 26.84
CA ASP A 196 30.49 13.11 26.23
C ASP A 196 31.13 14.44 25.77
N LEU A 197 30.33 15.51 25.72
CA LEU A 197 30.79 16.84 25.27
C LEU A 197 31.61 16.81 23.98
N GLU B 3 13.05 -26.05 14.75
CA GLU B 3 11.96 -25.33 15.47
C GLU B 3 11.74 -23.93 14.91
N ASN B 4 10.67 -23.27 15.33
CA ASN B 4 10.24 -22.01 14.73
C ASN B 4 9.77 -20.95 15.73
N PHE B 5 10.57 -20.70 16.75
CA PHE B 5 10.36 -19.57 17.65
C PHE B 5 11.62 -18.69 17.70
N PHE B 6 12.77 -19.30 17.98
CA PHE B 6 14.03 -18.55 18.10
C PHE B 6 14.71 -18.33 16.77
N GLY B 7 15.46 -17.23 16.66
CA GLY B 7 16.44 -17.06 15.58
C GLY B 7 15.92 -16.76 14.16
N LYS B 8 14.68 -16.28 14.05
CA LYS B 8 14.11 -15.90 12.76
C LYS B 8 14.81 -14.66 12.19
N THR B 9 14.91 -14.60 10.86
CA THR B 9 15.37 -13.40 10.16
C THR B 9 14.29 -12.32 10.15
N LEU B 10 14.66 -11.08 10.47
CA LEU B 10 13.68 -9.97 10.43
C LEU B 10 13.17 -9.80 9.01
N ALA B 11 11.84 -9.89 8.84
CA ALA B 11 11.22 -9.85 7.51
C ALA B 11 9.77 -9.39 7.58
N ALA B 12 9.26 -8.86 6.46
CA ALA B 12 7.85 -8.43 6.36
C ALA B 12 7.16 -9.03 5.12
N ARG B 13 5.88 -9.34 5.28
CA ARG B 13 5.03 -9.87 4.20
C ARG B 13 3.70 -9.11 4.18
N PRO B 14 3.17 -8.82 2.98
CA PRO B 14 1.81 -8.24 2.92
C PRO B 14 0.70 -9.27 3.16
N VAL B 15 -0.51 -8.79 3.40
CA VAL B 15 -1.69 -9.64 3.48
C VAL B 15 -2.54 -9.29 2.26
N GLU B 16 -2.57 -10.20 1.27
CA GLU B 16 -3.23 -9.92 -0.01
C GLU B 16 -4.66 -9.39 0.13
N ALA B 17 -5.42 -10.00 1.04
CA ALA B 17 -6.83 -9.67 1.21
C ALA B 17 -7.10 -8.30 1.86
N ILE B 18 -6.11 -7.76 2.58
CA ILE B 18 -6.31 -6.52 3.33
C ILE B 18 -5.16 -5.54 3.06
N PRO B 19 -5.34 -4.64 2.07
CA PRO B 19 -4.28 -3.72 1.68
C PRO B 19 -3.78 -2.92 2.87
N GLY B 20 -2.46 -2.76 2.98
CA GLY B 20 -1.88 -1.95 4.06
C GLY B 20 -1.45 -2.73 5.29
N MET B 21 -1.99 -3.93 5.47
CA MET B 21 -1.57 -4.79 6.59
C MET B 21 -0.19 -5.37 6.30
N LEU B 22 0.61 -5.54 7.34
CA LEU B 22 1.92 -6.20 7.22
C LEU B 22 2.09 -7.21 8.34
N GLU B 23 2.72 -8.34 8.01
CA GLU B 23 3.06 -9.36 9.01
C GLU B 23 4.58 -9.45 9.10
N PHE B 24 5.14 -9.36 10.31
CA PHE B 24 6.59 -9.42 10.52
C PHE B 24 7.02 -10.69 11.26
N ASP B 25 8.16 -11.27 10.83
CA ASP B 25 8.90 -12.24 11.65
C ASP B 25 9.92 -11.45 12.49
N ILE B 26 9.94 -11.72 13.80
CA ILE B 26 10.80 -10.99 14.75
C ILE B 26 11.88 -11.92 15.33
N PRO B 27 13.18 -11.53 15.22
CA PRO B 27 14.24 -12.31 15.87
C PRO B 27 14.12 -12.32 17.41
N VAL B 28 14.11 -13.52 17.96
CA VAL B 28 14.05 -13.72 19.41
C VAL B 28 15.28 -14.54 19.80
N HIS B 29 16.07 -14.00 20.72
CA HIS B 29 17.37 -14.57 21.09
C HIS B 29 17.26 -15.20 22.48
N GLY B 30 17.44 -16.53 22.55
CA GLY B 30 17.33 -17.26 23.81
C GLY B 30 18.67 -17.63 24.46
N ASP B 31 18.68 -17.67 25.80
CA ASP B 31 19.86 -18.09 26.59
C ASP B 31 19.44 -18.66 27.95
N ASN B 32 20.40 -18.75 28.89
CA ASN B 32 20.18 -19.36 30.21
C ASN B 32 19.23 -18.58 31.13
N ARG B 33 18.98 -17.33 30.77
CA ARG B 33 18.16 -16.44 31.59
C ARG B 33 16.69 -16.42 31.15
N GLY B 34 16.45 -16.74 29.88
CA GLY B 34 15.16 -16.53 29.20
C GLY B 34 15.40 -16.10 27.77
N TRP B 35 14.82 -14.97 27.36
CA TRP B 35 15.02 -14.45 26.00
C TRP B 35 14.91 -12.92 25.91
N PHE B 36 15.31 -12.40 24.75
CA PHE B 36 15.32 -10.95 24.45
C PHE B 36 14.90 -10.74 22.99
N LYS B 37 14.07 -9.72 22.74
CA LYS B 37 13.76 -9.27 21.37
C LYS B 37 13.69 -7.75 21.23
N GLU B 38 14.11 -7.23 20.06
CA GLU B 38 13.74 -5.87 19.63
C GLU B 38 12.33 -5.96 19.03
N ASN B 39 11.31 -5.68 19.85
CA ASN B 39 9.93 -5.80 19.40
C ASN B 39 9.56 -4.83 18.27
N PHE B 40 10.08 -3.61 18.37
CA PHE B 40 9.94 -2.59 17.32
C PHE B 40 11.26 -1.84 17.24
N GLN B 41 11.75 -1.60 16.02
CA GLN B 41 13.00 -0.86 15.82
C GLN B 41 12.86 -0.01 14.55
N LYS B 42 12.74 1.31 14.74
CA LYS B 42 12.29 2.21 13.66
C LYS B 42 13.24 2.19 12.46
N GLU B 43 14.53 2.29 12.73
CA GLU B 43 15.53 2.33 11.65
C GLU B 43 15.56 1.07 10.79
N LYS B 44 15.35 -0.08 11.43
CA LYS B 44 15.34 -1.38 10.74
C LYS B 44 14.02 -1.71 10.04
N MET B 45 12.90 -1.16 10.56
CA MET B 45 11.57 -1.52 10.05
C MET B 45 11.01 -0.63 8.93
N LEU B 46 11.40 0.64 8.92
CA LEU B 46 11.05 1.54 7.80
C LEU B 46 11.43 0.97 6.41
N PRO B 47 12.68 0.48 6.24
CA PRO B 47 13.06 -0.09 4.93
C PRO B 47 12.24 -1.31 4.49
N LEU B 48 11.60 -1.98 5.45
CA LEU B 48 10.80 -3.18 5.18
C LEU B 48 9.32 -2.89 4.86
N GLY B 49 8.92 -1.62 4.91
CA GLY B 49 7.53 -1.28 4.65
C GLY B 49 6.69 -0.70 5.79
N PHE B 50 7.22 -0.69 7.03
CA PHE B 50 6.50 0.01 8.11
C PHE B 50 6.32 1.48 7.70
N PRO B 51 5.06 1.96 7.62
CA PRO B 51 4.83 3.29 7.03
C PRO B 51 5.34 4.47 7.86
N GLU B 52 6.16 5.33 7.24
CA GLU B 52 6.62 6.58 7.85
C GLU B 52 5.45 7.44 8.35
N SER B 53 4.31 7.35 7.64
CA SER B 53 3.13 8.12 8.01
C SER B 53 2.64 7.84 9.44
N PHE B 54 3.04 6.70 10.01
CA PHE B 54 2.66 6.36 11.38
C PHE B 54 3.09 7.47 12.35
N PHE B 55 4.21 8.13 12.02
CA PHE B 55 4.82 9.14 12.89
C PHE B 55 4.45 10.59 12.54
N ALA B 56 3.51 10.77 11.59
CA ALA B 56 3.22 12.09 11.01
C ALA B 56 2.88 13.21 12.01
N GLU B 57 2.17 12.86 13.07
CA GLU B 57 1.67 13.82 14.05
C GLU B 57 2.48 13.85 15.37
N GLY B 58 3.45 12.95 15.48
CA GLY B 58 4.24 12.83 16.70
C GLY B 58 3.50 12.17 17.86
N LYS B 59 2.34 11.57 17.59
CA LYS B 59 1.52 10.98 18.66
C LYS B 59 1.97 9.55 18.99
N LEU B 60 2.08 9.23 20.28
CA LEU B 60 2.51 7.87 20.69
C LEU B 60 1.87 7.39 22.00
N GLN B 61 1.29 6.18 21.95
CA GLN B 61 0.74 5.50 23.13
C GLN B 61 1.10 4.01 23.05
N ASN B 62 1.44 3.41 24.19
CA ASN B 62 1.72 1.96 24.30
C ASN B 62 0.75 1.34 25.30
N ASN B 63 -0.11 0.43 24.84
CA ASN B 63 -1.05 -0.28 25.70
C ASN B 63 -0.57 -1.71 25.96
N VAL B 64 -0.95 -2.26 27.11
CA VAL B 64 -0.74 -3.70 27.40
C VAL B 64 -2.03 -4.27 28.00
N SER B 65 -2.50 -5.40 27.48
CA SER B 65 -3.56 -6.17 28.17
C SER B 65 -2.98 -7.52 28.62
N PHE B 66 -3.51 -8.02 29.74
CA PHE B 66 -3.13 -9.35 30.25
C PHE B 66 -4.41 -10.16 30.33
N SER B 67 -4.42 -11.33 29.71
CA SER B 67 -5.66 -12.14 29.56
C SER B 67 -5.42 -13.62 29.81
N ARG B 68 -6.45 -14.30 30.32
CA ARG B 68 -6.40 -15.76 30.58
C ARG B 68 -6.95 -16.61 29.41
N LYS B 69 -6.67 -17.92 29.46
CA LYS B 69 -7.10 -18.87 28.43
C LYS B 69 -8.57 -18.68 28.03
N ASN B 70 -8.83 -18.65 26.71
CA ASN B 70 -10.16 -18.56 26.09
C ASN B 70 -10.78 -17.16 26.04
N VAL B 71 -10.15 -16.20 26.72
CA VAL B 71 -10.59 -14.81 26.61
C VAL B 71 -10.57 -14.40 25.13
N LEU B 72 -11.63 -13.70 24.71
CA LEU B 72 -11.73 -13.19 23.35
C LEU B 72 -12.02 -11.69 23.42
N ARG B 73 -11.15 -10.87 22.80
CA ARG B 73 -11.32 -9.40 22.76
C ARG B 73 -11.47 -8.93 21.30
N GLY B 74 -12.48 -8.11 21.02
CA GLY B 74 -12.71 -7.62 19.64
C GLY B 74 -14.19 -7.56 19.23
N LEU B 75 -14.49 -7.14 18.00
CA LEU B 75 -13.51 -6.74 16.97
C LEU B 75 -13.58 -5.21 16.89
N HIS B 76 -12.42 -4.54 17.00
CA HIS B 76 -12.38 -3.09 17.23
C HIS B 76 -11.59 -2.34 16.15
N ALA B 77 -12.22 -1.32 15.56
CA ALA B 77 -11.63 -0.55 14.44
C ALA B 77 -11.57 0.95 14.70
N GLU B 78 -10.93 1.31 15.81
CA GLU B 78 -10.80 2.73 16.18
C GLU B 78 -9.98 3.53 15.15
N PRO B 79 -10.18 4.87 15.10
CA PRO B 79 -9.53 5.69 14.07
C PRO B 79 -8.03 5.99 14.28
N TRP B 80 -7.22 4.94 14.41
CA TRP B 80 -5.76 5.08 14.45
C TRP B 80 -5.13 3.77 14.03
N ASP B 81 -3.83 3.81 13.73
CA ASP B 81 -3.06 2.64 13.31
C ASP B 81 -2.52 1.89 14.53
N LYS B 82 -2.28 0.58 14.38
CA LYS B 82 -1.82 -0.28 15.48
C LYS B 82 -0.67 -1.19 15.07
N TYR B 83 0.34 -1.29 15.92
CA TYR B 83 1.41 -2.29 15.75
C TYR B 83 1.35 -3.24 16.94
N ILE B 84 1.03 -4.50 16.69
CA ILE B 84 0.65 -5.44 17.76
C ILE B 84 1.62 -6.64 17.85
N SER B 85 1.90 -7.10 19.08
CA SER B 85 2.66 -8.35 19.32
C SER B 85 2.38 -8.88 20.72
N VAL B 86 3.02 -10.03 21.02
CA VAL B 86 2.93 -10.68 22.33
C VAL B 86 4.23 -10.40 23.12
N ALA B 87 4.09 -10.05 24.40
CA ALA B 87 5.25 -9.65 25.22
C ALA B 87 5.75 -10.72 26.21
N ASP B 88 5.03 -11.82 26.34
CA ASP B 88 5.47 -12.91 27.22
C ASP B 88 5.55 -14.25 26.46
N GLY B 89 5.47 -15.37 27.16
CA GLY B 89 5.53 -16.68 26.50
C GLY B 89 4.21 -17.22 25.96
N GLY B 90 3.18 -16.37 25.91
CA GLY B 90 1.82 -16.82 25.53
C GLY B 90 1.57 -16.82 24.02
N LYS B 91 0.32 -17.09 23.63
CA LYS B 91 -0.04 -17.30 22.23
C LYS B 91 -1.53 -16.94 22.03
N VAL B 92 -1.83 -16.26 20.92
CA VAL B 92 -3.22 -15.95 20.55
C VAL B 92 -3.54 -16.28 19.08
N LEU B 93 -4.83 -16.48 18.80
CA LEU B 93 -5.32 -16.47 17.42
C LEU B 93 -5.75 -15.05 17.05
N GLY B 94 -4.97 -14.39 16.17
CA GLY B 94 -5.29 -13.02 15.72
C GLY B 94 -6.31 -13.06 14.60
N THR B 95 -7.22 -12.08 14.58
CA THR B 95 -8.32 -12.04 13.62
C THR B 95 -8.56 -10.61 13.13
N TRP B 96 -8.72 -10.45 11.81
CA TRP B 96 -8.91 -9.10 11.20
C TRP B 96 -10.08 -9.11 10.21
N VAL B 97 -10.90 -8.06 10.25
CA VAL B 97 -11.98 -7.80 9.29
C VAL B 97 -11.87 -6.37 8.73
N ASP B 98 -11.74 -6.24 7.40
CA ASP B 98 -11.61 -4.93 6.76
C ASP B 98 -12.99 -4.23 6.73
N LEU B 99 -13.09 -3.06 7.36
CA LEU B 99 -14.37 -2.33 7.41
C LEU B 99 -14.37 -1.09 6.52
N ARG B 100 -13.34 -0.95 5.68
CA ARG B 100 -13.17 0.24 4.83
C ARG B 100 -14.06 0.19 3.58
N GLU B 101 -14.61 1.36 3.22
CA GLU B 101 -15.42 1.46 2.00
C GLU B 101 -14.57 1.15 0.76
N GLY B 102 -15.11 0.30 -0.11
CA GLY B 102 -14.39 -0.12 -1.32
C GLY B 102 -14.44 -1.61 -1.59
N GLU B 103 -13.51 -2.06 -2.44
CA GLU B 103 -13.53 -3.43 -2.98
C GLU B 103 -13.18 -4.52 -1.98
N THR B 104 -12.62 -4.12 -0.83
CA THR B 104 -12.18 -5.07 0.18
C THR B 104 -13.06 -5.11 1.45
N PHE B 105 -14.17 -4.36 1.47
CA PHE B 105 -15.07 -4.39 2.62
C PHE B 105 -15.51 -5.82 2.96
N GLY B 106 -15.30 -6.23 4.21
CA GLY B 106 -15.67 -7.58 4.65
C GLY B 106 -14.58 -8.63 4.49
N ASN B 107 -13.47 -8.27 3.83
CA ASN B 107 -12.35 -9.21 3.68
C ASN B 107 -11.74 -9.55 5.03
N THR B 108 -11.23 -10.77 5.17
CA THR B 108 -10.71 -11.25 6.47
C THR B 108 -9.31 -11.91 6.37
N TYR B 109 -8.65 -12.01 7.53
CA TYR B 109 -7.41 -12.77 7.70
C TYR B 109 -7.33 -13.25 9.15
N GLN B 110 -6.74 -14.43 9.35
CA GLN B 110 -6.47 -14.93 10.71
C GLN B 110 -5.12 -15.63 10.72
N THR B 111 -4.38 -15.50 11.83
CA THR B 111 -3.10 -16.20 11.99
C THR B 111 -2.70 -16.26 13.47
N VAL B 112 -1.93 -17.29 13.85
CA VAL B 112 -1.43 -17.42 15.23
C VAL B 112 -0.25 -16.46 15.50
N ILE B 113 -0.31 -15.78 16.64
CA ILE B 113 0.72 -14.79 17.04
C ILE B 113 1.33 -15.21 18.39
N ASP B 114 2.66 -15.36 18.41
CA ASP B 114 3.43 -15.47 19.65
C ASP B 114 4.51 -14.35 19.65
N ALA B 115 5.45 -14.36 20.59
CA ALA B 115 6.46 -13.28 20.69
C ALA B 115 7.34 -13.12 19.44
N SER B 116 7.39 -14.14 18.59
CA SER B 116 8.20 -14.10 17.34
C SER B 116 7.48 -13.56 16.08
N LYS B 117 6.25 -13.06 16.25
CA LYS B 117 5.47 -12.44 15.16
C LYS B 117 4.82 -11.14 15.59
N SER B 118 4.74 -10.17 14.68
CA SER B 118 4.00 -8.92 14.96
C SER B 118 3.19 -8.53 13.72
N ILE B 119 2.22 -7.63 13.91
CA ILE B 119 1.31 -7.25 12.82
C ILE B 119 1.07 -5.74 12.82
N PHE B 120 1.16 -5.13 11.64
CA PHE B 120 0.75 -3.73 11.45
C PHE B 120 -0.69 -3.69 10.90
N VAL B 121 -1.59 -3.01 11.60
CA VAL B 121 -3.03 -2.93 11.26
C VAL B 121 -3.38 -1.47 10.91
N PRO B 122 -3.67 -1.17 9.63
CA PRO B 122 -4.05 0.21 9.27
C PRO B 122 -5.43 0.59 9.82
N ARG B 123 -5.62 1.88 10.09
CA ARG B 123 -6.91 2.36 10.59
C ARG B 123 -8.06 1.97 9.64
N GLY B 124 -9.15 1.46 10.23
CA GLY B 124 -10.30 1.01 9.46
C GLY B 124 -10.43 -0.49 9.32
N VAL B 125 -9.38 -1.20 9.75
CA VAL B 125 -9.38 -2.67 9.80
C VAL B 125 -9.61 -3.11 11.24
N ALA B 126 -10.69 -3.85 11.50
CA ALA B 126 -11.00 -4.27 12.87
C ALA B 126 -10.04 -5.35 13.37
N ASN B 127 -9.61 -5.19 14.62
CA ASN B 127 -8.65 -6.07 15.30
C ASN B 127 -9.31 -6.91 16.42
N GLY B 128 -8.92 -8.18 16.52
CA GLY B 128 -9.34 -9.02 17.66
C GLY B 128 -8.41 -10.19 17.92
N PHE B 129 -8.61 -10.87 19.04
CA PHE B 129 -7.84 -12.10 19.33
C PHE B 129 -8.55 -13.01 20.34
N GLN B 130 -8.23 -14.30 20.29
CA GLN B 130 -8.60 -15.26 21.33
C GLN B 130 -7.35 -15.93 21.92
N VAL B 131 -7.29 -16.03 23.25
CA VAL B 131 -6.12 -16.54 23.98
C VAL B 131 -6.03 -18.07 23.93
N LEU B 132 -4.90 -18.58 23.44
CA LEU B 132 -4.66 -20.03 23.28
C LEU B 132 -3.88 -20.66 24.44
N SER B 133 -3.05 -19.85 25.09
CA SER B 133 -2.21 -20.29 26.22
C SER B 133 -2.91 -20.03 27.58
N ASP B 134 -2.28 -20.44 28.69
CA ASP B 134 -2.87 -20.17 30.03
C ASP B 134 -3.08 -18.68 30.27
N PHE B 135 -2.07 -17.88 29.95
CA PHE B 135 -2.13 -16.42 30.02
C PHE B 135 -1.40 -15.83 28.80
N VAL B 136 -1.66 -14.55 28.51
CA VAL B 136 -0.86 -13.83 27.50
C VAL B 136 -0.79 -12.34 27.81
N ALA B 137 0.38 -11.75 27.55
CA ALA B 137 0.57 -10.30 27.60
C ALA B 137 0.60 -9.79 26.16
N TYR B 138 -0.33 -8.90 25.84
CA TYR B 138 -0.55 -8.44 24.47
C TYR B 138 -0.24 -6.94 24.45
N SER B 139 0.78 -6.55 23.68
CA SER B 139 1.33 -5.19 23.77
C SER B 139 1.25 -4.51 22.42
N TYR B 140 0.77 -3.27 22.40
CA TYR B 140 0.65 -2.59 21.11
C TYR B 140 1.00 -1.11 21.15
N LEU B 141 1.50 -0.61 20.02
CA LEU B 141 1.87 0.80 19.86
C LEU B 141 0.85 1.44 18.91
N VAL B 142 0.33 2.62 19.27
CA VAL B 142 -0.73 3.29 18.47
C VAL B 142 -0.38 4.77 18.31
N ASN B 143 -1.00 5.42 17.32
CA ASN B 143 -0.66 6.82 16.97
C ASN B 143 -1.81 7.85 17.06
N ASP B 144 -2.78 7.60 17.93
CA ASP B 144 -3.72 8.65 18.38
C ASP B 144 -4.28 8.21 19.74
N TYR B 145 -4.99 9.12 20.40
CA TYR B 145 -5.33 8.95 21.82
C TYR B 145 -6.79 8.64 22.06
N TRP B 146 -7.02 7.49 22.70
CA TRP B 146 -8.34 7.02 23.13
C TRP B 146 -8.99 7.98 24.15
N ALA B 147 -10.30 8.17 24.00
CA ALA B 147 -11.07 9.01 24.93
C ALA B 147 -12.40 8.33 25.18
N LEU B 148 -12.75 8.15 26.46
CA LEU B 148 -14.02 7.54 26.84
C LEU B 148 -15.20 8.26 26.18
N GLU B 149 -15.17 9.59 26.17
CA GLU B 149 -16.24 10.43 25.62
C GLU B 149 -16.51 10.21 24.14
N LEU B 150 -15.48 9.76 23.42
CA LEU B 150 -15.56 9.58 21.97
C LEU B 150 -15.87 8.14 21.54
N LYS B 151 -15.84 7.21 22.50
CA LYS B 151 -16.06 5.79 22.19
C LYS B 151 -17.33 5.50 21.36
N PRO B 152 -18.47 6.18 21.64
CA PRO B 152 -19.66 5.92 20.82
C PRO B 152 -19.52 6.18 19.31
N LYS B 153 -18.45 6.87 18.91
CA LYS B 153 -18.16 7.21 17.52
C LYS B 153 -17.18 6.20 16.85
N TYR B 154 -16.50 5.39 17.64
CA TYR B 154 -15.55 4.42 17.08
C TYR B 154 -16.28 3.23 16.44
N ALA B 155 -15.65 2.61 15.45
CA ALA B 155 -16.23 1.49 14.70
C ALA B 155 -15.91 0.16 15.38
N PHE B 156 -16.93 -0.69 15.50
CA PHE B 156 -16.83 -2.02 16.13
C PHE B 156 -17.71 -2.99 15.34
N VAL B 157 -17.39 -4.29 15.38
CA VAL B 157 -18.26 -5.34 14.80
C VAL B 157 -18.27 -6.57 15.71
N ASN B 158 -19.43 -7.24 15.83
CA ASN B 158 -19.63 -8.31 16.81
C ASN B 158 -18.83 -9.58 16.50
N TYR B 159 -18.07 -10.05 17.50
CA TYR B 159 -17.20 -11.22 17.38
C TYR B 159 -17.95 -12.51 16.97
N ALA B 160 -19.21 -12.59 17.37
CA ALA B 160 -20.01 -13.82 17.19
C ALA B 160 -20.96 -13.80 15.98
N ASP B 161 -20.85 -12.77 15.14
CA ASP B 161 -21.67 -12.69 13.92
C ASP B 161 -21.26 -13.82 12.98
N PRO B 162 -22.17 -14.79 12.71
CA PRO B 162 -21.73 -15.90 11.85
C PRO B 162 -21.53 -15.52 10.38
N SER B 163 -21.99 -14.31 10.00
CA SER B 163 -21.78 -13.79 8.64
C SER B 163 -20.33 -13.42 8.33
N LEU B 164 -19.51 -13.23 9.39
CA LEU B 164 -18.09 -12.95 9.19
C LEU B 164 -17.33 -14.20 8.73
N ASP B 165 -16.44 -14.02 7.76
CA ASP B 165 -15.69 -15.14 7.17
C ASP B 165 -14.46 -15.46 8.04
N ILE B 166 -14.75 -15.82 9.29
CA ILE B 166 -13.75 -16.20 10.28
C ILE B 166 -14.19 -17.43 11.07
N LYS B 167 -13.22 -18.09 11.72
CA LYS B 167 -13.52 -19.18 12.65
C LYS B 167 -12.66 -19.01 13.91
N TRP B 168 -13.29 -18.89 15.07
CA TRP B 168 -12.55 -18.75 16.32
C TRP B 168 -12.09 -20.11 16.83
N GLU B 169 -11.08 -20.13 17.71
CA GLU B 169 -10.58 -21.40 18.26
C GLU B 169 -11.63 -22.16 19.08
N ASN B 170 -12.29 -21.44 19.99
CA ASN B 170 -13.31 -22.03 20.87
C ASN B 170 -14.42 -21.01 21.16
N LEU B 171 -15.40 -20.95 20.27
CA LEU B 171 -16.47 -19.96 20.39
C LEU B 171 -17.40 -20.24 21.57
N GLU B 172 -17.71 -21.51 21.78
CA GLU B 172 -18.67 -21.91 22.82
C GLU B 172 -18.19 -21.60 24.23
N GLU B 173 -16.88 -21.58 24.41
CA GLU B 173 -16.29 -21.33 25.71
C GLU B 173 -15.53 -20.00 25.79
N ALA B 174 -15.79 -19.11 24.84
CA ALA B 174 -15.16 -17.78 24.82
C ALA B 174 -15.61 -16.92 26.00
N GLU B 175 -14.65 -16.23 26.63
CA GLU B 175 -14.98 -15.28 27.71
C GLU B 175 -14.77 -13.84 27.21
N VAL B 176 -15.86 -13.07 27.18
CA VAL B 176 -15.86 -11.72 26.59
C VAL B 176 -16.39 -10.66 27.57
N SER B 177 -16.10 -9.39 27.29
CA SER B 177 -16.72 -8.27 28.05
C SER B 177 -18.17 -8.06 27.63
N GLU B 178 -18.96 -7.45 28.52
CA GLU B 178 -20.33 -7.05 28.17
C GLU B 178 -20.35 -6.12 26.95
N ALA B 179 -19.39 -5.19 26.88
CA ALA B 179 -19.30 -4.28 25.74
C ALA B 179 -19.13 -5.04 24.44
N ASP B 180 -18.30 -6.08 24.44
CA ASP B 180 -18.08 -6.90 23.25
C ASP B 180 -19.29 -7.79 22.90
N GLU B 181 -20.11 -8.11 23.90
CA GLU B 181 -21.35 -8.85 23.64
C GLU B 181 -22.31 -8.03 22.79
N ASN B 182 -22.19 -6.71 22.90
CA ASN B 182 -23.23 -5.81 22.40
C ASN B 182 -22.88 -5.00 21.13
N HIS B 183 -21.70 -5.24 20.54
CA HIS B 183 -21.34 -4.54 19.31
C HIS B 183 -22.26 -4.94 18.14
N PRO B 184 -22.44 -4.05 17.14
CA PRO B 184 -23.33 -4.37 16.01
C PRO B 184 -22.84 -5.48 15.09
N PHE B 185 -23.78 -6.14 14.40
CA PHE B 185 -23.46 -7.14 13.39
C PHE B 185 -23.02 -6.45 12.09
N LEU B 186 -22.29 -7.17 11.22
CA LEU B 186 -21.72 -6.61 10.00
C LEU B 186 -22.74 -5.87 9.13
N LYS B 187 -23.95 -6.42 9.02
CA LYS B 187 -25.04 -5.83 8.24
C LYS B 187 -25.35 -4.39 8.64
N ASP B 188 -25.14 -4.09 9.91
CA ASP B 188 -25.48 -2.81 10.51
C ASP B 188 -24.29 -1.84 10.62
N VAL B 189 -23.16 -2.23 10.04
CA VAL B 189 -21.97 -1.38 10.03
C VAL B 189 -21.81 -0.75 8.64
N LYS B 190 -21.95 0.58 8.57
CA LYS B 190 -21.72 1.33 7.33
C LYS B 190 -20.21 1.32 7.04
N PRO B 191 -19.82 0.98 5.79
CA PRO B 191 -18.39 1.03 5.45
C PRO B 191 -17.76 2.38 5.75
N LEU B 192 -16.53 2.35 6.28
CA LEU B 192 -15.83 3.54 6.75
C LEU B 192 -15.12 4.31 5.63
N ARG B 193 -15.45 5.59 5.50
CA ARG B 193 -14.83 6.48 4.53
C ARG B 193 -13.57 7.11 5.11
N LYS B 194 -12.72 7.67 4.25
CA LYS B 194 -11.51 8.33 4.72
C LYS B 194 -11.84 9.44 5.72
N GLU B 195 -12.98 10.11 5.48
CA GLU B 195 -13.49 11.17 6.36
C GLU B 195 -13.81 10.68 7.76
N ASP B 196 -14.05 9.37 7.90
CA ASP B 196 -14.42 8.77 9.19
C ASP B 196 -13.21 8.32 10.02
N LEU B 197 -12.03 8.39 9.41
CA LEU B 197 -10.81 7.81 10.01
C LEU B 197 -9.72 8.86 10.24
N MET C 1 16.90 -10.41 -42.73
CA MET C 1 16.84 -11.24 -41.50
C MET C 1 15.46 -11.10 -40.81
N THR C 2 15.25 -11.88 -39.76
CA THR C 2 13.95 -11.86 -39.07
C THR C 2 13.61 -10.47 -38.50
N GLU C 3 12.41 -9.97 -38.80
CA GLU C 3 11.92 -8.69 -38.29
C GLU C 3 11.00 -8.91 -37.08
N ASN C 4 10.87 -7.87 -36.26
CA ASN C 4 10.32 -8.01 -34.91
C ASN C 4 9.09 -7.12 -34.60
N PHE C 5 8.28 -6.78 -35.61
CA PHE C 5 7.03 -5.99 -35.38
C PHE C 5 5.74 -6.84 -35.42
N PHE C 6 5.46 -7.48 -36.55
CA PHE C 6 4.26 -8.30 -36.73
C PHE C 6 4.39 -9.70 -36.19
N GLY C 7 3.27 -10.24 -35.70
CA GLY C 7 3.11 -11.68 -35.45
C GLY C 7 3.89 -12.32 -34.31
N LYS C 8 4.39 -11.51 -33.38
CA LYS C 8 5.03 -12.04 -32.16
C LYS C 8 4.04 -12.83 -31.32
N THR C 9 4.57 -13.78 -30.53
CA THR C 9 3.78 -14.47 -29.53
C THR C 9 3.74 -13.63 -28.24
N LEU C 10 2.57 -13.54 -27.59
CA LEU C 10 2.47 -12.81 -26.31
C LEU C 10 3.41 -13.43 -25.27
N ALA C 11 4.31 -12.60 -24.75
CA ALA C 11 5.33 -13.04 -23.80
C ALA C 11 5.76 -11.89 -22.88
N ALA C 12 6.26 -12.25 -21.69
CA ALA C 12 6.79 -11.28 -20.72
C ALA C 12 8.22 -11.66 -20.31
N ARG C 13 9.04 -10.66 -20.03
CA ARG C 13 10.41 -10.87 -19.52
C ARG C 13 10.73 -9.83 -18.45
N PRO C 14 11.62 -10.16 -17.51
CA PRO C 14 12.00 -9.17 -16.49
C PRO C 14 13.05 -8.19 -17.01
N VAL C 15 13.26 -7.12 -16.25
CA VAL C 15 14.38 -6.22 -16.45
C VAL C 15 15.30 -6.42 -15.24
N GLU C 16 16.42 -7.11 -15.43
CA GLU C 16 17.33 -7.49 -14.33
C GLU C 16 17.67 -6.34 -13.37
N ALA C 17 17.97 -5.18 -13.94
CA ALA C 17 18.42 -4.03 -13.17
C ALA C 17 17.32 -3.38 -12.33
N ILE C 18 16.05 -3.60 -12.71
CA ILE C 18 14.92 -2.94 -12.04
C ILE C 18 13.82 -3.94 -11.63
N PRO C 19 13.92 -4.50 -10.41
CA PRO C 19 12.93 -5.48 -9.93
C PRO C 19 11.48 -4.98 -10.03
N GLY C 20 10.61 -5.90 -10.46
CA GLY C 20 9.18 -5.60 -10.60
C GLY C 20 8.79 -5.10 -11.99
N MET C 21 9.74 -4.60 -12.77
CA MET C 21 9.42 -4.20 -14.15
C MET C 21 9.18 -5.44 -15.02
N LEU C 22 8.28 -5.32 -15.99
CA LEU C 22 8.04 -6.39 -16.98
C LEU C 22 8.00 -5.78 -18.37
N GLU C 23 8.65 -6.45 -19.33
CA GLU C 23 8.60 -6.03 -20.74
C GLU C 23 7.80 -7.08 -21.50
N PHE C 24 6.77 -6.66 -22.24
CA PHE C 24 5.92 -7.60 -23.00
C PHE C 24 6.11 -7.44 -24.52
N ASP C 25 6.08 -8.58 -25.23
CA ASP C 25 5.92 -8.61 -26.68
C ASP C 25 4.44 -8.78 -26.96
N ILE C 26 3.87 -7.90 -27.78
CA ILE C 26 2.44 -7.87 -28.09
C ILE C 26 2.22 -8.34 -29.53
N PRO C 27 1.33 -9.36 -29.75
CA PRO C 27 0.95 -9.74 -31.12
C PRO C 27 0.25 -8.58 -31.87
N VAL C 28 0.82 -8.17 -33.00
CA VAL C 28 0.20 -7.18 -33.88
C VAL C 28 -0.14 -7.86 -35.20
N HIS C 29 -1.42 -7.83 -35.57
CA HIS C 29 -1.92 -8.53 -36.76
C HIS C 29 -2.17 -7.55 -37.89
N GLY C 30 -1.39 -7.66 -38.97
CA GLY C 30 -1.50 -6.73 -40.10
C GLY C 30 -2.37 -7.28 -41.22
N ASP C 31 -3.11 -6.40 -41.89
CA ASP C 31 -3.87 -6.74 -43.11
C ASP C 31 -4.02 -5.52 -44.04
N ASN C 32 -4.90 -5.62 -45.04
CA ASN C 32 -5.14 -4.54 -46.02
C ASN C 32 -5.60 -3.21 -45.41
N ARG C 33 -6.09 -3.27 -44.18
CA ARG C 33 -6.69 -2.09 -43.52
C ARG C 33 -5.70 -1.33 -42.64
N GLY C 34 -4.63 -2.00 -42.24
CA GLY C 34 -3.70 -1.48 -41.23
C GLY C 34 -3.35 -2.61 -40.28
N TRP C 35 -3.63 -2.44 -38.99
CA TRP C 35 -3.41 -3.51 -38.01
C TRP C 35 -4.36 -3.50 -36.80
N PHE C 36 -4.31 -4.59 -36.02
CA PHE C 36 -5.10 -4.77 -34.79
C PHE C 36 -4.23 -5.41 -33.70
N LYS C 37 -4.34 -4.91 -32.46
CA LYS C 37 -3.72 -5.59 -31.31
C LYS C 37 -4.64 -5.62 -30.08
N GLU C 38 -4.51 -6.69 -29.28
CA GLU C 38 -5.04 -6.70 -27.90
C GLU C 38 -3.95 -6.05 -27.03
N ASN C 39 -4.04 -4.73 -26.88
CA ASN C 39 -3.02 -3.99 -26.13
C ASN C 39 -2.87 -4.45 -24.67
N PHE C 40 -4.00 -4.70 -24.02
CA PHE C 40 -4.04 -5.31 -22.68
C PHE C 40 -5.18 -6.32 -22.64
N GLN C 41 -4.92 -7.52 -22.10
CA GLN C 41 -5.96 -8.55 -22.01
C GLN C 41 -5.75 -9.26 -20.67
N LYS C 42 -6.64 -9.03 -19.70
CA LYS C 42 -6.38 -9.43 -18.29
C LYS C 42 -6.20 -10.94 -18.13
N GLU C 43 -7.05 -11.72 -18.80
CA GLU C 43 -7.01 -13.17 -18.67
C GLU C 43 -5.71 -13.78 -19.25
N LYS C 44 -5.20 -13.16 -20.31
CA LYS C 44 -3.96 -13.64 -20.95
C LYS C 44 -2.69 -13.10 -20.25
N MET C 45 -2.81 -11.97 -19.55
CA MET C 45 -1.63 -11.33 -18.94
C MET C 45 -1.36 -11.69 -17.48
N LEU C 46 -2.40 -12.00 -16.69
CA LEU C 46 -2.14 -12.51 -15.33
C LEU C 46 -1.19 -13.75 -15.30
N PRO C 47 -1.40 -14.75 -16.18
CA PRO C 47 -0.48 -15.92 -16.16
C PRO C 47 0.99 -15.58 -16.41
N LEU C 48 1.23 -14.45 -17.10
CA LEU C 48 2.58 -14.02 -17.48
C LEU C 48 3.23 -13.14 -16.43
N GLY C 49 2.55 -12.93 -15.31
CA GLY C 49 3.12 -12.19 -14.19
C GLY C 49 2.66 -10.76 -13.97
N PHE C 50 1.74 -10.27 -14.80
CA PHE C 50 1.10 -8.97 -14.53
C PHE C 50 0.50 -9.00 -13.11
N PRO C 51 0.96 -8.12 -12.22
CA PRO C 51 0.58 -8.28 -10.78
C PRO C 51 -0.91 -8.07 -10.45
N GLU C 52 -1.48 -9.01 -9.70
CA GLU C 52 -2.87 -8.88 -9.24
C GLU C 52 -3.09 -7.65 -8.35
N SER C 53 -2.02 -7.19 -7.67
CA SER C 53 -2.11 -6.01 -6.82
C SER C 53 -2.57 -4.76 -7.60
N PHE C 54 -2.30 -4.75 -8.91
CA PHE C 54 -2.78 -3.66 -9.77
C PHE C 54 -4.29 -3.46 -9.63
N PHE C 55 -5.03 -4.57 -9.44
CA PHE C 55 -6.50 -4.57 -9.44
C PHE C 55 -7.17 -4.58 -8.06
N ALA C 56 -6.37 -4.64 -6.99
CA ALA C 56 -6.88 -4.93 -5.64
C ALA C 56 -7.92 -3.94 -5.12
N GLU C 57 -7.78 -2.67 -5.50
CA GLU C 57 -8.68 -1.62 -5.00
C GLU C 57 -9.70 -1.17 -6.06
N GLY C 58 -9.66 -1.78 -7.24
CA GLY C 58 -10.62 -1.50 -8.30
C GLY C 58 -10.54 -0.12 -8.94
N LYS C 59 -9.39 0.54 -8.84
CA LYS C 59 -9.23 1.88 -9.41
C LYS C 59 -8.65 1.77 -10.81
N LEU C 60 -9.21 2.52 -11.77
CA LEU C 60 -8.78 2.40 -13.18
C LEU C 60 -8.86 3.73 -13.94
N GLN C 61 -7.76 4.10 -14.60
CA GLN C 61 -7.71 5.31 -15.42
C GLN C 61 -6.81 5.05 -16.64
N ASN C 62 -7.27 5.52 -17.81
CA ASN C 62 -6.49 5.42 -19.05
C ASN C 62 -6.15 6.82 -19.53
N ASN C 63 -4.85 7.11 -19.64
CA ASN C 63 -4.37 8.42 -20.14
C ASN C 63 -3.76 8.29 -21.54
N VAL C 64 -3.86 9.36 -22.33
CA VAL C 64 -3.16 9.42 -23.62
C VAL C 64 -2.41 10.73 -23.75
N SER C 65 -1.13 10.66 -24.11
CA SER C 65 -0.44 11.86 -24.54
C SER C 65 -0.08 11.73 -26.01
N PHE C 66 -0.33 12.80 -26.77
CA PHE C 66 0.07 12.87 -28.17
C PHE C 66 1.23 13.86 -28.24
N SER C 67 2.35 13.44 -28.83
CA SER C 67 3.58 14.24 -28.77
C SER C 67 4.26 14.36 -30.13
N ARG C 68 4.85 15.54 -30.38
CA ARG C 68 5.58 15.82 -31.64
C ARG C 68 7.05 15.36 -31.58
N LYS C 69 7.71 15.24 -32.74
CA LYS C 69 9.12 14.80 -32.78
C LYS C 69 10.04 15.66 -31.90
N ASN C 70 10.97 14.98 -31.23
CA ASN C 70 12.00 15.61 -30.39
C ASN C 70 11.49 16.00 -29.00
N VAL C 71 10.18 15.88 -28.78
CA VAL C 71 9.63 16.11 -27.45
C VAL C 71 10.22 15.07 -26.49
N LEU C 72 10.66 15.52 -25.32
CA LEU C 72 11.17 14.64 -24.29
C LEU C 72 10.45 14.96 -22.99
N ARG C 73 9.80 13.95 -22.41
CA ARG C 73 9.07 14.10 -21.15
C ARG C 73 9.68 13.20 -20.08
N GLY C 74 9.86 13.72 -18.86
CA GLY C 74 10.43 12.94 -17.75
C GLY C 74 11.47 13.68 -16.92
N LEU C 75 12.04 13.05 -15.90
CA LEU C 75 11.76 11.67 -15.47
C LEU C 75 10.96 11.68 -14.15
N HIS C 76 9.80 11.03 -14.16
CA HIS C 76 8.85 11.19 -13.06
C HIS C 76 8.43 9.86 -12.44
N ALA C 77 8.56 9.76 -11.11
CA ALA C 77 8.10 8.61 -10.34
C ALA C 77 6.79 8.94 -9.62
N GLU C 78 5.67 8.65 -10.27
CA GLU C 78 4.37 8.94 -9.66
C GLU C 78 3.95 7.82 -8.66
N PRO C 79 3.07 8.15 -7.70
CA PRO C 79 2.70 7.19 -6.66
C PRO C 79 1.62 6.18 -7.06
N TRP C 80 1.82 5.55 -8.21
CA TRP C 80 0.94 4.47 -8.67
C TRP C 80 1.69 3.65 -9.72
N ASP C 81 1.17 2.46 -10.05
CA ASP C 81 1.73 1.60 -11.10
C ASP C 81 1.27 2.06 -12.49
N LYS C 82 2.04 1.73 -13.53
CA LYS C 82 1.76 2.15 -14.92
C LYS C 82 1.97 1.00 -15.89
N TYR C 83 1.07 0.87 -16.88
CA TYR C 83 1.24 -0.06 -17.98
C TYR C 83 1.24 0.77 -19.26
N ILE C 84 2.39 0.83 -19.93
CA ILE C 84 2.63 1.78 -21.03
C ILE C 84 2.76 1.12 -22.39
N SER C 85 2.23 1.78 -23.41
CA SER C 85 2.32 1.29 -24.79
C SER C 85 2.19 2.44 -25.79
N VAL C 86 2.41 2.14 -27.07
CA VAL C 86 2.19 3.10 -28.16
C VAL C 86 0.96 2.65 -28.95
N ALA C 87 0.05 3.59 -29.24
CA ALA C 87 -1.26 3.28 -29.88
C ALA C 87 -1.33 3.57 -31.40
N ASP C 88 -0.32 4.24 -31.95
CA ASP C 88 -0.30 4.52 -33.39
C ASP C 88 0.95 3.94 -34.07
N GLY C 89 1.35 4.52 -35.20
CA GLY C 89 2.53 4.08 -35.93
C GLY C 89 3.87 4.63 -35.46
N GLY C 90 3.86 5.38 -34.35
CA GLY C 90 5.07 6.08 -33.86
C GLY C 90 6.04 5.24 -33.04
N LYS C 91 7.11 5.89 -32.57
CA LYS C 91 8.17 5.21 -31.79
C LYS C 91 8.72 6.19 -30.78
N VAL C 92 9.06 5.68 -29.59
CA VAL C 92 9.77 6.46 -28.57
C VAL C 92 10.99 5.70 -28.03
N LEU C 93 11.95 6.45 -27.47
CA LEU C 93 13.00 5.84 -26.65
C LEU C 93 12.52 5.91 -25.20
N GLY C 94 12.08 4.77 -24.66
CA GLY C 94 11.63 4.70 -23.27
C GLY C 94 12.83 4.65 -22.34
N THR C 95 12.71 5.32 -21.19
CA THR C 95 13.83 5.48 -20.25
C THR C 95 13.33 5.39 -18.82
N TRP C 96 14.00 4.57 -18.00
CA TRP C 96 13.60 4.33 -16.60
C TRP C 96 14.79 4.45 -15.64
N VAL C 97 14.54 5.05 -14.47
CA VAL C 97 15.56 5.18 -13.40
C VAL C 97 14.89 4.78 -12.07
N ASP C 98 15.44 3.77 -11.39
CA ASP C 98 14.84 3.26 -10.15
C ASP C 98 15.11 4.28 -9.03
N LEU C 99 14.04 4.81 -8.42
CA LEU C 99 14.22 5.78 -7.33
C LEU C 99 13.79 5.22 -5.95
N ARG C 100 13.65 3.90 -5.87
CA ARG C 100 13.31 3.22 -4.62
C ARG C 100 14.51 3.01 -3.71
N GLU C 101 14.29 3.16 -2.40
CA GLU C 101 15.28 2.82 -1.38
C GLU C 101 15.70 1.36 -1.50
N GLY C 102 17.01 1.12 -1.45
CA GLY C 102 17.55 -0.24 -1.51
C GLY C 102 18.75 -0.40 -2.43
N GLU C 103 19.09 -1.66 -2.71
CA GLU C 103 20.29 -1.96 -3.48
C GLU C 103 20.23 -1.59 -4.97
N THR C 104 19.05 -1.24 -5.48
CA THR C 104 18.89 -0.88 -6.90
C THR C 104 18.65 0.61 -7.17
N PHE C 105 18.74 1.45 -6.13
CA PHE C 105 18.61 2.90 -6.31
C PHE C 105 19.60 3.41 -7.36
N GLY C 106 19.05 4.10 -8.36
CA GLY C 106 19.87 4.68 -9.42
C GLY C 106 20.08 3.80 -10.65
N ASN C 107 19.67 2.53 -10.58
CA ASN C 107 19.78 1.63 -11.73
C ASN C 107 18.90 2.12 -12.87
N THR C 108 19.31 1.82 -14.10
CA THR C 108 18.60 2.34 -15.28
C THR C 108 18.28 1.25 -16.32
N TYR C 109 17.36 1.60 -17.23
CA TYR C 109 17.07 0.78 -18.42
C TYR C 109 16.56 1.68 -19.54
N GLN C 110 16.92 1.37 -20.78
CA GLN C 110 16.37 2.08 -21.95
C GLN C 110 16.06 1.10 -23.06
N THR C 111 14.97 1.33 -23.78
CA THR C 111 14.66 0.51 -24.96
C THR C 111 13.67 1.25 -25.86
N VAL C 112 13.64 0.91 -27.15
CA VAL C 112 12.68 1.51 -28.07
C VAL C 112 11.30 0.86 -27.91
N ILE C 113 10.27 1.69 -27.77
CA ILE C 113 8.88 1.23 -27.66
C ILE C 113 8.11 1.64 -28.93
N ASP C 114 7.53 0.64 -29.61
CA ASP C 114 6.55 0.85 -30.70
C ASP C 114 5.26 0.08 -30.36
N ALA C 115 4.30 -0.01 -31.28
CA ALA C 115 3.00 -0.66 -30.96
C ALA C 115 3.12 -2.16 -30.57
N SER C 116 4.23 -2.81 -30.92
CA SER C 116 4.44 -4.24 -30.63
C SER C 116 5.11 -4.54 -29.27
N LYS C 117 5.34 -3.49 -28.48
CA LYS C 117 5.99 -3.63 -27.18
C LYS C 117 5.22 -2.84 -26.13
N SER C 118 5.15 -3.40 -24.92
CA SER C 118 4.59 -2.65 -23.77
C SER C 118 5.43 -2.87 -22.50
N ILE C 119 5.26 -1.99 -21.51
CA ILE C 119 6.07 -2.05 -20.28
C ILE C 119 5.21 -1.87 -19.03
N PHE C 120 5.38 -2.75 -18.04
CA PHE C 120 4.82 -2.54 -16.70
C PHE C 120 5.87 -1.88 -15.81
N VAL C 121 5.51 -0.72 -15.24
CA VAL C 121 6.39 0.10 -14.40
C VAL C 121 5.84 0.17 -12.98
N PRO C 122 6.51 -0.49 -12.01
CA PRO C 122 6.02 -0.39 -10.62
C PRO C 122 6.21 1.00 -10.04
N ARG C 123 5.36 1.35 -9.09
CA ARG C 123 5.49 2.56 -8.30
C ARG C 123 6.89 2.68 -7.71
N GLY C 124 7.50 3.86 -7.85
CA GLY C 124 8.84 4.13 -7.33
C GLY C 124 9.91 4.20 -8.42
N VAL C 125 9.57 3.75 -9.62
CA VAL C 125 10.49 3.78 -10.76
C VAL C 125 10.14 4.96 -11.67
N ALA C 126 11.08 5.88 -11.87
CA ALA C 126 10.83 7.08 -12.68
C ALA C 126 10.70 6.70 -14.16
N ASN C 127 9.74 7.35 -14.83
CA ASN C 127 9.39 7.05 -16.22
C ASN C 127 9.61 8.28 -17.12
N GLY C 128 10.10 8.06 -18.34
CA GLY C 128 10.31 9.14 -19.30
C GLY C 128 10.38 8.60 -20.72
N PHE C 129 10.33 9.50 -21.70
CA PHE C 129 10.53 9.11 -23.10
C PHE C 129 10.92 10.26 -23.99
N GLN C 130 11.53 9.92 -25.13
CA GLN C 130 11.87 10.87 -26.20
C GLN C 130 11.21 10.41 -27.49
N VAL C 131 10.51 11.30 -28.18
CA VAL C 131 9.81 10.91 -29.41
C VAL C 131 10.79 10.80 -30.59
N LEU C 132 10.77 9.64 -31.27
CA LEU C 132 11.71 9.39 -32.40
C LEU C 132 11.05 9.57 -33.77
N SER C 133 9.75 9.35 -33.82
CA SER C 133 8.95 9.51 -35.04
C SER C 133 8.47 10.94 -35.18
N ASP C 134 7.75 11.26 -36.26
CA ASP C 134 7.24 12.62 -36.44
C ASP C 134 6.21 13.00 -35.37
N PHE C 135 5.41 12.02 -34.96
CA PHE C 135 4.53 12.14 -33.80
C PHE C 135 4.28 10.76 -33.22
N VAL C 136 3.70 10.71 -32.02
CA VAL C 136 3.38 9.42 -31.39
C VAL C 136 2.21 9.55 -30.43
N ALA C 137 1.39 8.50 -30.35
CA ALA C 137 0.28 8.39 -29.40
C ALA C 137 0.72 7.41 -28.30
N TYR C 138 0.90 7.93 -27.10
CA TYR C 138 1.46 7.18 -25.98
C TYR C 138 0.31 6.94 -25.00
N SER C 139 -0.11 5.68 -24.86
CA SER C 139 -1.34 5.34 -24.10
C SER C 139 -1.01 4.47 -22.91
N TYR C 140 -1.53 4.81 -21.73
CA TYR C 140 -1.19 4.04 -20.56
C TYR C 140 -2.34 3.86 -19.57
N LEU C 141 -2.26 2.78 -18.80
CA LEU C 141 -3.24 2.44 -17.76
C LEU C 141 -2.58 2.66 -16.39
N VAL C 142 -3.33 3.27 -15.48
CA VAL C 142 -2.83 3.47 -14.10
C VAL C 142 -3.90 3.04 -13.09
N ASN C 143 -3.47 2.79 -11.85
CA ASN C 143 -4.39 2.26 -10.81
C ASN C 143 -4.60 3.17 -9.58
N ASP C 144 -4.47 4.47 -9.78
CA ASP C 144 -4.90 5.46 -8.79
C ASP C 144 -5.23 6.77 -9.52
N TYR C 145 -5.90 7.67 -8.81
CA TYR C 145 -6.38 8.94 -9.38
C TYR C 145 -5.58 10.14 -8.89
N TRP C 146 -5.39 11.13 -9.76
CA TRP C 146 -4.65 12.34 -9.38
C TRP C 146 -5.29 13.01 -8.16
N ALA C 147 -4.45 13.36 -7.18
CA ALA C 147 -4.92 14.03 -5.96
C ALA C 147 -3.82 14.85 -5.30
N LEU C 148 -4.19 16.02 -4.75
CA LEU C 148 -3.21 16.83 -4.02
C LEU C 148 -2.54 16.06 -2.87
N GLU C 149 -3.33 15.19 -2.22
CA GLU C 149 -2.83 14.42 -1.09
C GLU C 149 -1.74 13.38 -1.47
N LEU C 150 -1.64 13.06 -2.76
CA LEU C 150 -0.58 12.16 -3.23
C LEU C 150 0.71 12.86 -3.65
N LYS C 151 0.68 14.20 -3.77
CA LYS C 151 1.84 14.94 -4.26
C LYS C 151 3.14 14.72 -3.47
N PRO C 152 3.06 14.61 -2.12
CA PRO C 152 4.29 14.36 -1.34
C PRO C 152 4.93 13.00 -1.59
N LYS C 153 4.24 12.14 -2.34
CA LYS C 153 4.72 10.79 -2.59
C LYS C 153 5.40 10.65 -3.95
N TYR C 154 5.45 11.73 -4.72
CA TYR C 154 6.16 11.75 -6.00
C TYR C 154 7.66 11.90 -5.76
N ALA C 155 8.46 11.44 -6.73
CA ALA C 155 9.87 11.82 -6.86
C ALA C 155 10.16 12.10 -8.33
N PHE C 156 11.14 12.96 -8.58
CA PHE C 156 11.55 13.35 -9.94
C PHE C 156 13.07 13.41 -10.03
N VAL C 157 13.60 13.18 -11.23
CA VAL C 157 15.02 13.40 -11.49
C VAL C 157 15.22 14.00 -12.88
N ASN C 158 16.17 14.93 -12.97
CA ASN C 158 16.44 15.69 -14.19
C ASN C 158 16.92 14.80 -15.34
N TYR C 159 16.25 14.92 -16.48
CA TYR C 159 16.58 14.14 -17.68
C TYR C 159 18.03 14.36 -18.11
N ALA C 160 18.59 15.54 -17.80
CA ALA C 160 19.89 15.95 -18.32
C ALA C 160 21.04 15.86 -17.31
N ASP C 161 20.79 15.22 -16.16
CA ASP C 161 21.87 14.92 -15.21
C ASP C 161 22.85 13.96 -15.88
N PRO C 162 24.07 14.45 -16.21
CA PRO C 162 24.98 13.63 -17.03
C PRO C 162 25.56 12.41 -16.30
N SER C 163 25.39 12.36 -14.97
CA SER C 163 25.84 11.24 -14.17
C SER C 163 24.89 10.04 -14.27
N LEU C 164 23.69 10.26 -14.82
CA LEU C 164 22.74 9.17 -15.01
C LEU C 164 23.27 8.22 -16.07
N ASP C 165 23.08 6.92 -15.84
CA ASP C 165 23.56 5.92 -16.79
C ASP C 165 22.57 5.73 -17.94
N ILE C 166 22.37 6.81 -18.69
CA ILE C 166 21.43 6.83 -19.81
C ILE C 166 22.01 7.67 -20.96
N LYS C 167 21.49 7.46 -22.16
CA LYS C 167 21.85 8.31 -23.31
C LYS C 167 20.61 8.64 -24.10
N TRP C 168 20.39 9.93 -24.33
CA TRP C 168 19.29 10.38 -25.17
C TRP C 168 19.76 10.53 -26.61
N GLU C 169 18.85 10.33 -27.54
CA GLU C 169 19.18 10.33 -28.96
C GLU C 169 19.52 11.69 -29.53
N ASN C 170 18.80 12.73 -29.12
CA ASN C 170 19.03 14.03 -29.78
C ASN C 170 19.21 15.22 -28.85
N LEU C 171 19.67 14.95 -27.63
CA LEU C 171 19.70 15.88 -26.48
C LEU C 171 19.75 17.38 -26.81
N GLU C 172 20.62 17.76 -27.75
CA GLU C 172 20.76 19.14 -28.22
C GLU C 172 19.43 19.76 -28.71
N GLU C 173 18.64 18.96 -29.42
CA GLU C 173 17.39 19.42 -30.02
C GLU C 173 16.12 19.07 -29.22
N ALA C 174 16.28 18.55 -27.99
CA ALA C 174 15.13 18.12 -27.19
C ALA C 174 14.13 19.25 -26.90
N GLU C 175 12.84 18.97 -27.07
CA GLU C 175 11.77 19.92 -26.74
C GLU C 175 11.18 19.54 -25.38
N VAL C 176 11.51 20.32 -24.37
CA VAL C 176 11.25 19.98 -22.97
C VAL C 176 10.48 21.10 -22.29
N SER C 177 9.55 20.74 -21.41
CA SER C 177 8.82 21.70 -20.56
C SER C 177 9.74 22.44 -19.58
N GLU C 178 9.27 23.58 -19.09
CA GLU C 178 10.01 24.32 -18.08
C GLU C 178 10.15 23.55 -16.75
N ALA C 179 9.08 22.89 -16.35
CA ALA C 179 9.10 22.04 -15.14
C ALA C 179 10.19 20.95 -15.22
N ASP C 180 10.25 20.25 -16.35
CA ASP C 180 11.24 19.16 -16.52
C ASP C 180 12.67 19.67 -16.55
N GLU C 181 12.87 20.93 -16.96
CA GLU C 181 14.20 21.55 -16.93
C GLU C 181 14.71 21.74 -15.50
N ASN C 182 13.78 21.86 -14.56
CA ASN C 182 14.10 22.29 -13.21
C ASN C 182 14.17 21.18 -12.15
N HIS C 183 13.93 19.93 -12.55
CA HIS C 183 13.95 18.80 -11.60
C HIS C 183 15.35 18.62 -11.01
N PRO C 184 15.43 18.08 -9.76
CA PRO C 184 16.72 17.87 -9.12
C PRO C 184 17.60 16.80 -9.78
N PHE C 185 18.91 16.96 -9.63
CA PHE C 185 19.86 15.92 -10.01
C PHE C 185 19.76 14.78 -9.00
N LEU C 186 20.26 13.60 -9.38
CA LEU C 186 20.05 12.36 -8.62
C LEU C 186 20.57 12.46 -7.17
N LYS C 187 21.72 13.13 -7.01
CA LYS C 187 22.32 13.40 -5.70
C LYS C 187 21.35 14.07 -4.70
N ASP C 188 20.38 14.83 -5.21
CA ASP C 188 19.46 15.59 -4.38
C ASP C 188 18.06 14.94 -4.20
N VAL C 189 17.90 13.73 -4.73
CA VAL C 189 16.66 12.97 -4.58
C VAL C 189 16.71 12.04 -3.36
N LYS C 190 15.69 12.15 -2.51
CA LYS C 190 15.54 11.26 -1.37
C LYS C 190 14.88 9.95 -1.84
N PRO C 191 15.56 8.80 -1.64
CA PRO C 191 14.99 7.53 -2.07
C PRO C 191 13.60 7.27 -1.49
N LEU C 192 12.70 6.72 -2.32
CA LEU C 192 11.34 6.42 -1.89
C LEU C 192 11.26 5.10 -1.12
N ARG C 193 10.61 5.12 0.03
CA ARG C 193 10.46 3.90 0.83
C ARG C 193 9.36 3.03 0.24
N LYS C 194 9.49 1.70 0.40
CA LYS C 194 8.55 0.75 -0.23
C LYS C 194 7.13 0.78 0.37
N GLU C 195 6.99 1.44 1.50
CA GLU C 195 5.70 1.70 2.11
C GLU C 195 4.99 2.84 1.37
N ASP C 196 5.69 3.95 1.23
CA ASP C 196 5.18 5.16 0.58
C ASP C 196 6.06 5.50 -0.62
N LEU C 197 6.12 4.60 -1.58
CA LEU C 197 6.96 4.78 -2.77
C LEU C 197 6.18 5.40 -3.92
N THR D 2 -20.54 20.27 -26.46
CA THR D 2 -19.83 21.49 -26.97
C THR D 2 -18.84 21.09 -28.09
N GLU D 3 -18.47 22.03 -28.96
CA GLU D 3 -17.74 21.67 -30.18
C GLU D 3 -16.21 21.79 -30.13
N ASN D 4 -15.69 22.68 -29.31
CA ASN D 4 -14.22 22.90 -29.22
C ASN D 4 -13.42 21.64 -28.85
N PHE D 5 -12.27 21.47 -29.51
CA PHE D 5 -11.40 20.32 -29.28
C PHE D 5 -10.71 20.37 -27.91
N PHE D 6 -10.19 21.54 -27.56
CA PHE D 6 -9.47 21.73 -26.30
C PHE D 6 -10.33 22.38 -25.21
N GLY D 7 -10.18 21.89 -23.98
CA GLY D 7 -10.76 22.55 -22.81
C GLY D 7 -12.21 22.28 -22.44
N LYS D 8 -12.80 21.21 -22.97
CA LYS D 8 -14.18 20.88 -22.63
C LYS D 8 -14.30 20.40 -21.19
N THR D 9 -15.49 20.61 -20.61
CA THR D 9 -15.86 20.04 -19.32
C THR D 9 -16.33 18.60 -19.55
N LEU D 10 -15.87 17.66 -18.72
CA LEU D 10 -16.31 16.26 -18.84
C LEU D 10 -17.83 16.17 -18.66
N ALA D 11 -18.53 15.64 -19.67
CA ALA D 11 -20.00 15.54 -19.65
C ALA D 11 -20.53 14.38 -20.49
N ALA D 12 -21.77 13.95 -20.21
CA ALA D 12 -22.40 12.84 -20.93
C ALA D 12 -23.80 13.22 -21.39
N ARG D 13 -24.22 12.64 -22.52
CA ARG D 13 -25.61 12.75 -23.01
C ARG D 13 -26.06 11.46 -23.69
N PRO D 14 -27.35 11.07 -23.50
CA PRO D 14 -27.89 9.90 -24.19
C PRO D 14 -28.12 10.12 -25.69
N VAL D 15 -28.27 9.01 -26.40
CA VAL D 15 -28.65 8.99 -27.82
C VAL D 15 -30.11 8.55 -27.84
N GLU D 16 -31.01 9.44 -28.25
CA GLU D 16 -32.46 9.22 -28.10
C GLU D 16 -32.98 7.93 -28.76
N ALA D 17 -32.48 7.62 -29.95
CA ALA D 17 -32.99 6.49 -30.71
C ALA D 17 -32.40 5.14 -30.29
N ILE D 18 -31.34 5.16 -29.45
CA ILE D 18 -30.66 3.92 -29.07
C ILE D 18 -30.46 3.88 -27.54
N PRO D 19 -31.43 3.30 -26.81
CA PRO D 19 -31.36 3.25 -25.35
C PRO D 19 -30.05 2.65 -24.82
N GLY D 20 -29.49 3.29 -23.78
CA GLY D 20 -28.28 2.80 -23.12
C GLY D 20 -26.99 3.38 -23.67
N MET D 21 -27.02 3.94 -24.88
CA MET D 21 -25.82 4.57 -25.45
C MET D 21 -25.54 5.90 -24.75
N LEU D 22 -24.26 6.24 -24.61
CA LEU D 22 -23.84 7.54 -24.04
C LEU D 22 -22.74 8.16 -24.90
N GLU D 23 -22.85 9.47 -25.12
CA GLU D 23 -21.82 10.27 -25.81
C GLU D 23 -21.13 11.15 -24.76
N PHE D 24 -19.80 11.14 -24.71
CA PHE D 24 -19.05 11.97 -23.75
C PHE D 24 -18.22 13.06 -24.44
N ASP D 25 -18.22 14.25 -23.84
CA ASP D 25 -17.21 15.29 -24.10
C ASP D 25 -16.02 15.01 -23.19
N ILE D 26 -14.82 14.93 -23.76
CA ILE D 26 -13.58 14.60 -23.03
C ILE D 26 -12.66 15.82 -22.95
N PRO D 27 -12.20 16.21 -21.72
CA PRO D 27 -11.19 17.29 -21.60
C PRO D 27 -9.82 16.95 -22.19
N VAL D 28 -9.36 17.80 -23.11
CA VAL D 28 -8.07 17.66 -23.77
C VAL D 28 -7.29 18.96 -23.55
N HIS D 29 -6.04 18.85 -23.10
CA HIS D 29 -5.23 20.04 -22.79
C HIS D 29 -4.00 20.09 -23.68
N GLY D 30 -3.85 21.16 -24.45
CA GLY D 30 -2.73 21.27 -25.42
C GLY D 30 -1.64 22.25 -25.06
N ASP D 31 -0.43 21.98 -25.55
CA ASP D 31 0.69 22.95 -25.49
C ASP D 31 1.64 22.76 -26.69
N ASN D 32 2.82 23.39 -26.63
CA ASN D 32 3.82 23.29 -27.69
C ASN D 32 4.22 21.86 -28.04
N ARG D 33 4.21 20.99 -27.03
CA ARG D 33 4.69 19.61 -27.19
C ARG D 33 3.64 18.66 -27.79
N GLY D 34 2.36 19.06 -27.79
CA GLY D 34 1.26 18.16 -28.18
C GLY D 34 0.04 18.31 -27.27
N TRP D 35 -0.56 17.19 -26.85
CA TRP D 35 -1.69 17.27 -25.92
C TRP D 35 -1.80 16.07 -24.98
N PHE D 36 -2.65 16.21 -23.97
CA PHE D 36 -2.90 15.17 -22.95
C PHE D 36 -4.38 15.07 -22.62
N LYS D 37 -4.86 13.86 -22.38
CA LYS D 37 -6.24 13.63 -21.88
C LYS D 37 -6.30 12.45 -20.91
N GLU D 38 -7.17 12.56 -19.90
CA GLU D 38 -7.69 11.38 -19.18
C GLU D 38 -8.78 10.79 -20.09
N ASN D 39 -8.47 9.73 -20.83
CA ASN D 39 -9.42 9.15 -21.79
C ASN D 39 -10.56 8.43 -21.09
N PHE D 40 -10.21 7.76 -19.98
CA PHE D 40 -11.21 7.11 -19.12
C PHE D 40 -10.79 7.28 -17.65
N GLN D 41 -11.73 7.68 -16.81
CA GLN D 41 -11.46 7.86 -15.39
C GLN D 41 -12.67 7.34 -14.61
N LYS D 42 -12.52 6.16 -13.98
CA LYS D 42 -13.67 5.44 -13.41
C LYS D 42 -14.47 6.25 -12.37
N GLU D 43 -13.77 6.87 -11.43
CA GLU D 43 -14.40 7.64 -10.34
C GLU D 43 -15.23 8.82 -10.86
N LYS D 44 -14.72 9.47 -11.91
CA LYS D 44 -15.44 10.61 -12.52
C LYS D 44 -16.58 10.19 -13.44
N MET D 45 -16.47 9.01 -14.04
CA MET D 45 -17.47 8.55 -15.03
C MET D 45 -18.73 7.93 -14.47
N LEU D 46 -18.60 7.20 -13.35
CA LEU D 46 -19.77 6.59 -12.73
C LEU D 46 -20.91 7.58 -12.42
N PRO D 47 -20.61 8.73 -11.78
CA PRO D 47 -21.65 9.73 -11.48
C PRO D 47 -22.32 10.33 -12.73
N LEU D 48 -21.67 10.23 -13.88
CA LEU D 48 -22.23 10.73 -15.16
C LEU D 48 -23.07 9.70 -15.90
N GLY D 49 -23.20 8.49 -15.35
CA GLY D 49 -24.06 7.48 -15.95
C GLY D 49 -23.38 6.29 -16.59
N PHE D 50 -22.04 6.27 -16.58
CA PHE D 50 -21.30 5.10 -17.04
C PHE D 50 -21.71 3.93 -16.14
N PRO D 51 -22.27 2.85 -16.71
CA PRO D 51 -22.91 1.82 -15.86
C PRO D 51 -21.98 0.99 -14.97
N GLU D 52 -22.36 0.83 -13.70
CA GLU D 52 -21.62 -0.04 -12.76
C GLU D 52 -21.54 -1.48 -13.25
N SER D 53 -22.57 -1.91 -13.99
CA SER D 53 -22.62 -3.28 -14.53
C SER D 53 -21.45 -3.61 -15.46
N PHE D 54 -20.78 -2.57 -16.00
CA PHE D 54 -19.61 -2.80 -16.85
C PHE D 54 -18.52 -3.57 -16.07
N PHE D 55 -18.42 -3.31 -14.76
CA PHE D 55 -17.35 -3.85 -13.91
C PHE D 55 -17.71 -5.12 -13.14
N ALA D 56 -18.96 -5.57 -13.30
CA ALA D 56 -19.55 -6.61 -12.45
C ALA D 56 -18.77 -7.92 -12.41
N GLU D 57 -18.23 -8.33 -13.55
CA GLU D 57 -17.55 -9.63 -13.64
C GLU D 57 -16.03 -9.54 -13.52
N GLY D 58 -15.50 -8.33 -13.42
CA GLY D 58 -14.05 -8.09 -13.27
C GLY D 58 -13.21 -8.40 -14.50
N LYS D 59 -13.85 -8.43 -15.67
CA LYS D 59 -13.14 -8.74 -16.93
C LYS D 59 -12.78 -7.46 -17.69
N LEU D 60 -11.54 -7.40 -18.23
CA LEU D 60 -11.07 -6.15 -18.87
C LEU D 60 -10.07 -6.41 -20.00
N GLN D 61 -10.29 -5.74 -21.13
CA GLN D 61 -9.42 -5.83 -22.32
C GLN D 61 -9.38 -4.48 -23.03
N ASN D 62 -8.19 -4.05 -23.46
CA ASN D 62 -8.03 -2.82 -24.25
C ASN D 62 -7.53 -3.20 -25.63
N ASN D 63 -8.33 -2.93 -26.67
CA ASN D 63 -7.94 -3.18 -28.07
C ASN D 63 -7.54 -1.88 -28.76
N VAL D 64 -6.61 -1.96 -29.72
CA VAL D 64 -6.27 -0.79 -30.55
C VAL D 64 -6.21 -1.25 -32.00
N SER D 65 -6.94 -0.57 -32.88
CA SER D 65 -6.72 -0.78 -34.31
C SER D 65 -6.17 0.48 -34.95
N PHE D 66 -5.28 0.30 -35.92
CA PHE D 66 -4.73 1.41 -36.67
C PHE D 66 -5.19 1.26 -38.11
N SER D 67 -5.80 2.30 -38.67
CA SER D 67 -6.43 2.21 -40.01
C SER D 67 -6.19 3.45 -40.86
N ARG D 68 -6.15 3.26 -42.18
CA ARG D 68 -5.97 4.35 -43.15
C ARG D 68 -7.29 4.89 -43.71
N LYS D 69 -7.22 6.06 -44.34
CA LYS D 69 -8.36 6.72 -45.00
C LYS D 69 -9.22 5.73 -45.80
N ASN D 70 -10.54 5.84 -45.64
CA ASN D 70 -11.54 5.00 -46.35
C ASN D 70 -11.71 3.59 -45.80
N VAL D 71 -10.86 3.18 -44.87
CA VAL D 71 -11.08 1.89 -44.21
C VAL D 71 -12.43 1.93 -43.49
N LEU D 72 -13.20 0.84 -43.61
CA LEU D 72 -14.51 0.72 -42.97
C LEU D 72 -14.54 -0.62 -42.24
N ARG D 73 -14.79 -0.58 -40.93
CA ARG D 73 -14.90 -1.79 -40.09
C ARG D 73 -16.32 -1.84 -39.49
N GLY D 74 -17.02 -2.97 -39.64
CA GLY D 74 -18.37 -3.11 -39.06
C GLY D 74 -19.29 -3.95 -39.93
N LEU D 75 -20.54 -4.18 -39.53
CA LEU D 75 -21.12 -3.74 -38.24
C LEU D 75 -21.19 -4.94 -37.29
N HIS D 76 -20.59 -4.81 -36.09
CA HIS D 76 -20.35 -5.98 -35.22
C HIS D 76 -21.00 -5.80 -33.84
N ALA D 77 -21.77 -6.80 -33.41
CA ALA D 77 -22.46 -6.80 -32.11
C ALA D 77 -22.10 -8.02 -31.24
N GLU D 78 -20.82 -8.11 -30.85
CA GLU D 78 -20.36 -9.15 -29.92
C GLU D 78 -21.01 -9.02 -28.53
N PRO D 79 -21.11 -10.14 -27.78
CA PRO D 79 -21.82 -10.14 -26.50
C PRO D 79 -21.06 -9.51 -25.31
N TRP D 80 -20.70 -8.23 -25.46
CA TRP D 80 -20.09 -7.45 -24.39
C TRP D 80 -20.26 -5.96 -24.65
N ASP D 81 -19.99 -5.15 -23.63
CA ASP D 81 -20.06 -3.67 -23.70
C ASP D 81 -18.74 -3.09 -24.23
N LYS D 82 -18.81 -1.90 -24.83
CA LYS D 82 -17.61 -1.24 -25.40
C LYS D 82 -17.56 0.25 -25.03
N TYR D 83 -16.36 0.74 -24.70
CA TYR D 83 -16.11 2.19 -24.53
C TYR D 83 -15.09 2.58 -25.60
N ILE D 84 -15.54 3.41 -26.55
CA ILE D 84 -14.75 3.71 -27.78
C ILE D 84 -14.21 5.16 -27.82
N SER D 85 -12.94 5.32 -28.22
CA SER D 85 -12.39 6.67 -28.50
C SER D 85 -11.26 6.61 -29.52
N VAL D 86 -10.73 7.80 -29.83
CA VAL D 86 -9.61 7.98 -30.75
C VAL D 86 -8.37 8.42 -29.94
N ALA D 87 -7.22 7.76 -30.18
CA ALA D 87 -6.00 7.99 -29.39
C ALA D 87 -4.95 8.91 -30.04
N ASP D 88 -5.15 9.26 -31.31
CA ASP D 88 -4.22 10.16 -32.03
C ASP D 88 -4.96 11.39 -32.59
N GLY D 89 -4.39 12.03 -33.62
CA GLY D 89 -5.02 13.21 -34.21
C GLY D 89 -6.04 12.92 -35.30
N GLY D 90 -6.49 11.66 -35.41
CA GLY D 90 -7.41 11.26 -36.49
C GLY D 90 -8.90 11.49 -36.23
N LYS D 91 -9.72 11.05 -37.18
CA LYS D 91 -11.16 11.33 -37.19
C LYS D 91 -11.89 10.18 -37.89
N VAL D 92 -12.99 9.69 -37.30
CA VAL D 92 -13.85 8.68 -37.97
C VAL D 92 -15.34 9.05 -37.99
N LEU D 93 -16.06 8.52 -38.97
CA LEU D 93 -17.53 8.52 -38.94
C LEU D 93 -18.02 7.29 -38.16
N GLY D 94 -18.48 7.48 -36.93
CA GLY D 94 -19.07 6.37 -36.16
C GLY D 94 -20.48 6.05 -36.61
N THR D 95 -20.83 4.75 -36.60
CA THR D 95 -22.12 4.27 -37.08
C THR D 95 -22.62 3.09 -36.20
N TRP D 96 -23.91 3.11 -35.86
CA TRP D 96 -24.51 2.12 -34.94
C TRP D 96 -25.86 1.68 -35.47
N VAL D 97 -26.13 0.38 -35.33
CA VAL D 97 -27.47 -0.21 -35.64
C VAL D 97 -27.90 -1.10 -34.49
N ASP D 98 -29.06 -0.81 -33.91
CA ASP D 98 -29.57 -1.56 -32.74
C ASP D 98 -30.05 -2.95 -33.20
N LEU D 99 -29.45 -4.01 -32.64
CA LEU D 99 -29.87 -5.40 -32.97
C LEU D 99 -30.67 -6.11 -31.87
N ARG D 100 -31.09 -5.36 -30.86
CA ARG D 100 -31.84 -5.94 -29.74
C ARG D 100 -33.30 -6.12 -30.11
N GLU D 101 -33.85 -7.29 -29.80
CA GLU D 101 -35.29 -7.57 -29.96
C GLU D 101 -36.16 -6.52 -29.24
N GLY D 102 -37.15 -5.99 -29.95
CA GLY D 102 -38.05 -4.98 -29.40
C GLY D 102 -38.29 -3.77 -30.30
N GLU D 103 -38.85 -2.72 -29.71
CA GLU D 103 -39.31 -1.53 -30.46
C GLU D 103 -38.21 -0.76 -31.17
N THR D 104 -36.95 -0.97 -30.75
CA THR D 104 -35.83 -0.22 -31.33
C THR D 104 -34.98 -1.04 -32.31
N PHE D 105 -35.39 -2.27 -32.59
CA PHE D 105 -34.65 -3.11 -33.55
C PHE D 105 -34.52 -2.42 -34.90
N GLY D 106 -33.28 -2.28 -35.37
CA GLY D 106 -32.99 -1.59 -36.63
C GLY D 106 -32.82 -0.08 -36.54
N ASN D 107 -33.04 0.51 -35.37
CA ASN D 107 -32.76 1.95 -35.19
C ASN D 107 -31.27 2.29 -35.45
N THR D 108 -30.99 3.50 -35.92
CA THR D 108 -29.62 3.88 -36.30
C THR D 108 -29.21 5.25 -35.74
N TYR D 109 -27.89 5.43 -35.58
CA TYR D 109 -27.29 6.71 -35.23
C TYR D 109 -25.92 6.81 -35.89
N GLN D 110 -25.52 8.02 -36.30
CA GLN D 110 -24.16 8.30 -36.78
C GLN D 110 -23.64 9.61 -36.20
N THR D 111 -22.34 9.66 -35.89
CA THR D 111 -21.68 10.92 -35.47
C THR D 111 -20.17 10.83 -35.69
N VAL D 112 -19.51 11.97 -35.81
CA VAL D 112 -18.05 12.02 -36.03
C VAL D 112 -17.33 11.96 -34.67
N ILE D 113 -16.30 11.11 -34.59
CA ILE D 113 -15.50 10.93 -33.35
C ILE D 113 -14.06 11.36 -33.60
N ASP D 114 -13.54 12.24 -32.73
CA ASP D 114 -12.10 12.51 -32.65
C ASP D 114 -11.61 12.33 -31.18
N ALA D 115 -10.38 12.71 -30.86
CA ALA D 115 -9.84 12.46 -29.51
C ALA D 115 -10.61 13.17 -28.37
N SER D 116 -11.45 14.15 -28.73
CA SER D 116 -12.23 14.93 -27.73
C SER D 116 -13.65 14.40 -27.49
N LYS D 117 -13.98 13.26 -28.11
CA LYS D 117 -15.30 12.61 -27.94
C LYS D 117 -15.15 11.09 -27.73
N SER D 118 -15.95 10.49 -26.86
CA SER D 118 -15.96 9.02 -26.70
C SER D 118 -17.41 8.51 -26.67
N ILE D 119 -17.61 7.21 -26.81
CA ILE D 119 -18.97 6.65 -26.88
C ILE D 119 -19.06 5.37 -26.05
N PHE D 120 -20.08 5.25 -25.21
CA PHE D 120 -20.37 3.96 -24.56
C PHE D 120 -21.43 3.22 -25.40
N VAL D 121 -21.11 1.99 -25.81
CA VAL D 121 -22.00 1.15 -26.64
C VAL D 121 -22.47 -0.08 -25.85
N PRO D 122 -23.78 -0.16 -25.51
CA PRO D 122 -24.22 -1.34 -24.75
C PRO D 122 -24.27 -2.60 -25.62
N ARG D 123 -24.02 -3.76 -25.00
CA ARG D 123 -24.11 -5.03 -25.68
C ARG D 123 -25.46 -5.15 -26.42
N GLY D 124 -25.39 -5.58 -27.68
CA GLY D 124 -26.58 -5.75 -28.52
C GLY D 124 -26.75 -4.67 -29.58
N VAL D 125 -25.97 -3.59 -29.47
CA VAL D 125 -25.96 -2.52 -30.48
C VAL D 125 -24.70 -2.68 -31.36
N ALA D 126 -24.90 -2.94 -32.66
CA ALA D 126 -23.78 -3.12 -33.59
C ALA D 126 -22.97 -1.84 -33.78
N ASN D 127 -21.64 -2.01 -33.76
CA ASN D 127 -20.65 -0.93 -33.83
C ASN D 127 -19.90 -0.96 -35.17
N GLY D 128 -19.62 0.22 -35.71
CA GLY D 128 -18.77 0.32 -36.92
C GLY D 128 -18.22 1.73 -37.11
N PHE D 129 -17.31 1.89 -38.07
CA PHE D 129 -16.78 3.23 -38.41
C PHE D 129 -16.13 3.27 -39.80
N GLN D 130 -16.04 4.46 -40.39
CA GLN D 130 -15.21 4.69 -41.60
C GLN D 130 -14.22 5.83 -41.34
N VAL D 131 -12.96 5.64 -41.76
CA VAL D 131 -11.88 6.60 -41.44
C VAL D 131 -11.95 7.81 -42.38
N LEU D 132 -11.97 9.01 -41.79
CA LEU D 132 -12.07 10.27 -42.57
C LEU D 132 -10.68 10.93 -42.75
N SER D 133 -9.83 10.76 -41.74
CA SER D 133 -8.47 11.30 -41.76
C SER D 133 -7.50 10.42 -42.56
N ASP D 134 -6.26 10.87 -42.77
CA ASP D 134 -5.28 10.03 -43.48
C ASP D 134 -5.05 8.67 -42.78
N PHE D 135 -5.04 8.70 -41.43
CA PHE D 135 -5.03 7.49 -40.60
C PHE D 135 -5.61 7.79 -39.22
N VAL D 136 -5.87 6.74 -38.43
CA VAL D 136 -6.45 6.91 -37.10
C VAL D 136 -6.08 5.75 -36.18
N ALA D 137 -5.93 6.07 -34.89
CA ALA D 137 -5.73 5.06 -33.85
C ALA D 137 -7.01 4.98 -33.04
N TYR D 138 -7.70 3.85 -33.14
CA TYR D 138 -9.02 3.65 -32.54
C TYR D 138 -8.82 2.72 -31.34
N SER D 139 -9.07 3.22 -30.13
CA SER D 139 -8.72 2.50 -28.91
C SER D 139 -9.97 2.29 -28.09
N TYR D 140 -10.20 1.05 -27.63
CA TYR D 140 -11.43 0.78 -26.89
C TYR D 140 -11.26 -0.17 -25.71
N LEU D 141 -12.15 -0.02 -24.71
CA LEU D 141 -12.16 -0.86 -23.51
C LEU D 141 -13.41 -1.76 -23.56
N VAL D 142 -13.22 -3.06 -23.29
CA VAL D 142 -14.33 -4.02 -23.33
C VAL D 142 -14.34 -4.94 -22.10
N ASN D 143 -15.48 -5.60 -21.84
CA ASN D 143 -15.64 -6.36 -20.57
C ASN D 143 -15.96 -7.87 -20.70
N ASP D 144 -15.58 -8.46 -21.82
CA ASP D 144 -15.51 -9.93 -21.97
C ASP D 144 -14.47 -10.23 -23.07
N TYR D 145 -14.11 -11.51 -23.21
CA TYR D 145 -12.93 -11.95 -23.97
C TYR D 145 -13.28 -12.68 -25.27
N TRP D 146 -12.83 -12.09 -26.38
CA TRP D 146 -13.06 -12.61 -27.75
C TRP D 146 -12.25 -13.90 -27.99
N ALA D 147 -12.84 -14.83 -28.74
CA ALA D 147 -12.08 -15.99 -29.26
C ALA D 147 -12.50 -16.22 -30.72
N LEU D 148 -11.51 -16.46 -31.59
CA LEU D 148 -11.79 -16.63 -33.03
C LEU D 148 -12.82 -17.73 -33.29
N GLU D 149 -12.70 -18.84 -32.58
CA GLU D 149 -13.59 -19.99 -32.78
C GLU D 149 -15.04 -19.73 -32.40
N LEU D 150 -15.29 -18.64 -31.67
CA LEU D 150 -16.65 -18.31 -31.21
C LEU D 150 -17.37 -17.32 -32.11
N LYS D 151 -16.72 -16.85 -33.19
CA LYS D 151 -17.40 -15.90 -34.10
C LYS D 151 -18.78 -16.38 -34.61
N PRO D 152 -18.97 -17.69 -34.88
CA PRO D 152 -20.34 -18.14 -35.24
C PRO D 152 -21.41 -17.86 -34.18
N LYS D 153 -21.00 -17.60 -32.95
CA LYS D 153 -21.92 -17.32 -31.85
C LYS D 153 -22.19 -15.82 -31.66
N TYR D 154 -21.43 -14.98 -32.36
CA TYR D 154 -21.57 -13.51 -32.26
C TYR D 154 -22.54 -12.98 -33.33
N ALA D 155 -23.10 -11.78 -33.11
CA ALA D 155 -23.99 -11.14 -34.08
C ALA D 155 -23.30 -10.08 -34.94
N PHE D 156 -23.64 -10.08 -36.24
CA PHE D 156 -23.08 -9.16 -37.24
C PHE D 156 -24.16 -8.76 -38.26
N VAL D 157 -24.03 -7.55 -38.80
CA VAL D 157 -24.89 -7.15 -39.96
C VAL D 157 -24.04 -6.44 -41.02
N ASN D 158 -24.35 -6.72 -42.29
CA ASN D 158 -23.54 -6.23 -43.41
C ASN D 158 -23.59 -4.72 -43.55
N TYR D 159 -22.40 -4.10 -43.61
CA TYR D 159 -22.28 -2.65 -43.69
C TYR D 159 -22.96 -2.07 -44.93
N ALA D 160 -23.08 -2.86 -46.01
CA ALA D 160 -23.59 -2.40 -47.30
C ALA D 160 -25.04 -2.77 -47.57
N ASP D 161 -25.75 -3.26 -46.55
CA ASP D 161 -27.19 -3.53 -46.70
C ASP D 161 -27.90 -2.19 -46.95
N PRO D 162 -28.45 -2.00 -48.17
CA PRO D 162 -28.99 -0.68 -48.49
C PRO D 162 -30.29 -0.30 -47.77
N SER D 163 -30.90 -1.25 -47.07
CA SER D 163 -32.14 -0.99 -46.35
C SER D 163 -31.89 -0.29 -45.01
N LEU D 164 -30.63 -0.28 -44.57
CA LEU D 164 -30.26 0.39 -43.32
C LEU D 164 -30.30 1.91 -43.49
N ASP D 165 -30.85 2.62 -42.50
CA ASP D 165 -30.93 4.08 -42.58
C ASP D 165 -29.62 4.71 -42.11
N ILE D 166 -28.57 4.48 -42.90
CA ILE D 166 -27.24 5.03 -42.66
C ILE D 166 -26.64 5.48 -43.99
N LYS D 167 -25.69 6.41 -43.89
CA LYS D 167 -24.93 6.84 -45.07
C LYS D 167 -23.44 6.83 -44.75
N TRP D 168 -22.70 5.97 -45.44
CA TRP D 168 -21.24 5.96 -45.27
C TRP D 168 -20.62 7.10 -46.09
N GLU D 169 -19.38 7.47 -45.76
CA GLU D 169 -18.70 8.53 -46.51
C GLU D 169 -18.30 8.10 -47.93
N ASN D 170 -17.85 6.86 -48.07
CA ASN D 170 -17.55 6.29 -49.38
C ASN D 170 -17.78 4.79 -49.38
N LEU D 171 -19.00 4.40 -49.78
CA LEU D 171 -19.44 3.00 -49.71
C LEU D 171 -18.75 2.14 -50.76
N GLU D 172 -18.73 2.61 -52.00
CA GLU D 172 -18.26 1.83 -53.13
C GLU D 172 -16.73 1.59 -53.10
N GLU D 173 -15.98 2.55 -52.53
CA GLU D 173 -14.52 2.44 -52.40
C GLU D 173 -14.02 2.14 -50.97
N ALA D 174 -14.93 1.64 -50.13
CA ALA D 174 -14.57 1.25 -48.78
C ALA D 174 -13.51 0.14 -48.80
N GLU D 175 -12.50 0.27 -47.93
CA GLU D 175 -11.46 -0.73 -47.77
C GLU D 175 -11.83 -1.63 -46.59
N VAL D 176 -12.19 -2.88 -46.88
CA VAL D 176 -12.84 -3.77 -45.90
C VAL D 176 -12.21 -5.17 -45.84
N SER D 177 -12.49 -5.88 -44.76
CA SER D 177 -12.09 -7.29 -44.62
C SER D 177 -13.02 -8.24 -45.40
N GLU D 178 -12.55 -9.46 -45.66
CA GLU D 178 -13.39 -10.49 -46.28
C GLU D 178 -14.62 -10.80 -45.42
N ALA D 179 -14.43 -10.81 -44.10
CA ALA D 179 -15.54 -11.10 -43.19
C ALA D 179 -16.63 -10.02 -43.34
N ASP D 180 -16.22 -8.76 -43.38
CA ASP D 180 -17.21 -7.68 -43.51
C ASP D 180 -17.93 -7.67 -44.86
N GLU D 181 -17.32 -8.26 -45.89
CA GLU D 181 -18.00 -8.42 -47.20
C GLU D 181 -19.11 -9.46 -47.15
N ASN D 182 -19.02 -10.38 -46.18
CA ASN D 182 -19.88 -11.57 -46.16
C ASN D 182 -20.85 -11.72 -44.97
N HIS D 183 -20.90 -10.75 -44.07
CA HIS D 183 -21.89 -10.79 -43.00
C HIS D 183 -23.32 -10.72 -43.58
N PRO D 184 -24.31 -11.30 -42.88
CA PRO D 184 -25.68 -11.30 -43.40
C PRO D 184 -26.35 -9.92 -43.41
N PHE D 185 -27.29 -9.73 -44.33
CA PHE D 185 -28.15 -8.55 -44.32
C PHE D 185 -29.11 -8.63 -43.13
N LEU D 186 -29.72 -7.50 -42.77
CA LEU D 186 -30.56 -7.42 -41.57
C LEU D 186 -31.72 -8.42 -41.58
N LYS D 187 -32.28 -8.69 -42.77
CA LYS D 187 -33.38 -9.67 -42.88
C LYS D 187 -33.01 -11.09 -42.40
N ASP D 188 -31.72 -11.40 -42.37
CA ASP D 188 -31.22 -12.72 -41.98
C ASP D 188 -30.56 -12.74 -40.59
N VAL D 189 -30.66 -11.62 -39.87
CA VAL D 189 -30.12 -11.50 -38.51
C VAL D 189 -31.22 -11.82 -37.50
N LYS D 190 -30.96 -12.76 -36.60
CA LYS D 190 -31.90 -13.07 -35.51
C LYS D 190 -31.84 -12.00 -34.42
N PRO D 191 -32.96 -11.28 -34.16
CA PRO D 191 -32.91 -10.24 -33.11
C PRO D 191 -32.45 -10.80 -31.77
N LEU D 192 -31.65 -10.01 -31.05
CA LEU D 192 -31.04 -10.48 -29.81
C LEU D 192 -32.00 -10.31 -28.65
N ARG D 193 -32.45 -11.45 -28.12
CA ARG D 193 -33.48 -11.47 -27.08
C ARG D 193 -32.86 -11.18 -25.73
N LYS D 194 -33.71 -10.90 -24.74
CA LYS D 194 -33.21 -10.61 -23.41
C LYS D 194 -32.20 -11.67 -22.95
N GLU D 195 -32.53 -12.94 -23.18
CA GLU D 195 -31.69 -14.06 -22.74
C GLU D 195 -30.41 -14.26 -23.56
N ASP D 196 -30.28 -13.52 -24.67
CA ASP D 196 -29.09 -13.55 -25.50
C ASP D 196 -28.06 -12.50 -25.05
N LEU D 197 -28.45 -11.62 -24.12
CA LEU D 197 -27.50 -10.64 -23.59
C LEU D 197 -27.62 -10.47 -22.08
#